data_3QUZ
#
_entry.id   3QUZ
#
_cell.length_a   79.292
_cell.length_b   190.981
_cell.length_c   151.318
_cell.angle_alpha   90.00
_cell.angle_beta   90.00
_cell.angle_gamma   90.00
#
_symmetry.space_group_name_H-M   'C 2 2 21'
#
loop_
_entity.id
_entity.type
_entity.pdbx_description
1 polymer 'Antigen-presenting glycoprotein CD1d1'
2 polymer 'Beta-2 microglobulin'
3 polymer 'Valpha14 (mouse variable domain, human constant domain)'
4 polymer 'Vbeta8.2 (mouse variable domain, human constant domain)'
5 branched 2-acetamido-2-deoxy-beta-D-glucopyranose-(1-4)-[alpha-L-fucopyranose-(1-6)]2-acetamido-2-deoxy-beta-D-glucopyranose
6 non-polymer 2-acetamido-2-deoxy-beta-D-glucopyranose
7 non-polymer N-[(2S,3S,4R)-1-({6-deoxy-6-[(naphthalen-1-ylcarbamoyl)amino]-alpha-D-galactopyranosyl}oxy)-3,4-dihydroxyoctadecan-2-yl]hexacosanamide
8 water water
#
loop_
_entity_poly.entity_id
_entity_poly.type
_entity_poly.pdbx_seq_one_letter_code
_entity_poly.pdbx_strand_id
1 'polypeptide(L)'
;SEAQQKNYTFRCLQMSSFANRSWSRTDSVVWLGDLQTHRWSNDSATISFTKPWSQGKLSNQQWEKLQHMFQVYRVSFTRD
IQELVKMMSPKEDYPIEIQLSAGCEMYPGNASESFLHVAFQGKYVVRFWGTSWQTVPGAPSWLDLPIKVLNADQGTSATV
QMLLNDTCPLFVRGLLEAGKSDLEKQEKPVAWLSSVPSSAHGHRQLVCHVSGFYPKPVWVMWMRGDQEQQGTHRGDFLPN
ADETWYLQATLDVEAGEEAGLACRVKHSSLGGQDIILYWHHHHHH
;
A
2 'polypeptide(L)'
;IQKTPQIQVYSRHPPENGKPNILNCYVTQFHPPHIEIQMLKNGKKIPKVEMSDMSFSKDWSFYILAHTEFTPTETDTYAC
RVKHASMAEPKTVYWDRDM
;
B
3 'polypeptide(L)'
;MKTQVEQSPQSLVVRQGENCVLQCNYSVTPDNHLRWFKQDTGKGLVSLTVLVDQKDKTSNGRYSATLDKDAKHSTLHITA
TLLDDTATYICVVGDRGSALGRLHFGAGTQLIVIPDIQNPDPAVYQLRDSKSSDKSVCLFTDFDSQTNVSQSKDSDVYIT
DKCVLDMRSMDFKSNSAVAWSNKSDFACANAFNNSIIPEDTFFPSPESS
;
C
4 'polypeptide(L)'
;MEAAVTQSPRNKVAVTGGKVTLSCNQTNNHNNMYWYRQDTGHGLRLIHYSYGAGSTEKGDIPDGYKASRPSQENFSLILE
LATPSQTSVYFCASGDEGYTQYFGPGTRLLVLEDLRNVTPPKVSLFEPSKAEISHTQKATLVCLATGFYPDHVELSWWVN
GKEVHSGVCTDPQPLKEQPALNDSRYSLSSRLRVSATFWQNPRNHFRCQVQFYGLSENDEWTQDRAKPVTQIVSAEAWGR
A
;
D
#
loop_
_chem_comp.id
_chem_comp.type
_chem_comp.name
_chem_comp.formula
FUC L-saccharide, alpha linking alpha-L-fucopyranose 'C6 H12 O5'
NAG D-saccharide, beta linking 2-acetamido-2-deoxy-beta-D-glucopyranose 'C8 H15 N O6'
QUV non-polymer N-[(2S,3S,4R)-1-({6-deoxy-6-[(naphthalen-1-ylcarbamoyl)amino]-alpha-D-galactopyranosyl}oxy)-3,4-dihydroxyoctadecan-2-yl]hexacosanamide 'C61 H107 N3 O9'
#
# COMPACT_ATOMS: atom_id res chain seq x y z
N ASN A 7 20.67 -10.85 36.59
CA ASN A 7 20.31 -10.82 35.14
C ASN A 7 18.83 -10.95 34.98
N TYR A 8 18.22 -10.07 34.19
CA TYR A 8 16.80 -10.15 33.90
C TYR A 8 16.60 -10.21 32.39
N THR A 9 15.61 -10.98 31.95
CA THR A 9 15.24 -10.97 30.56
C THR A 9 13.90 -10.29 30.41
N PHE A 10 13.87 -9.33 29.52
CA PHE A 10 12.70 -8.65 29.16
C PHE A 10 12.19 -9.24 27.84
N ARG A 11 10.94 -9.70 27.80
CA ARG A 11 10.36 -10.35 26.61
C ARG A 11 9.00 -9.75 26.23
N CYS A 12 8.90 -9.27 24.99
CA CYS A 12 7.63 -8.90 24.38
C CYS A 12 7.22 -10.04 23.51
N LEU A 13 6.08 -10.64 23.82
CA LEU A 13 5.64 -11.82 23.10
C LEU A 13 4.36 -11.46 22.35
N GLN A 14 4.41 -11.59 21.04
CA GLN A 14 3.28 -11.33 20.16
C GLN A 14 2.78 -12.67 19.61
N MET A 15 1.47 -12.88 19.64
CA MET A 15 0.85 -14.07 19.07
C MET A 15 -0.15 -13.59 18.03
N SER A 16 0.02 -14.00 16.77
CA SER A 16 -0.95 -13.61 15.72
C SER A 16 -1.52 -14.83 15.00
N SER A 17 -2.84 -14.93 14.92
CA SER A 17 -3.55 -15.99 14.20
C SER A 17 -4.21 -15.39 13.00
N PHE A 18 -4.16 -16.12 11.89
CA PHE A 18 -4.78 -15.69 10.66
C PHE A 18 -5.56 -16.90 10.20
N ALA A 19 -6.89 -16.86 10.33
CA ALA A 19 -7.73 -18.04 10.06
C ALA A 19 -8.02 -18.23 8.59
N ASN A 20 -8.00 -17.13 7.83
CA ASN A 20 -8.26 -17.13 6.39
C ASN A 20 -7.92 -15.73 5.88
N ARG A 21 -8.34 -15.41 4.64
CA ARG A 21 -8.04 -14.13 3.99
C ARG A 21 -8.52 -12.89 4.76
N SER A 22 -9.60 -12.99 5.54
CA SER A 22 -10.16 -11.82 6.23
C SER A 22 -9.87 -11.71 7.73
N TRP A 23 -10.02 -12.82 8.45
CA TRP A 23 -9.97 -12.87 9.91
C TRP A 23 -8.57 -13.05 10.49
N SER A 24 -8.19 -12.17 11.41
CA SER A 24 -6.96 -12.33 12.17
C SER A 24 -7.08 -11.62 13.51
N ARG A 25 -6.29 -12.05 14.48
CA ARG A 25 -6.18 -11.28 15.71
C ARG A 25 -4.75 -11.30 16.17
N THR A 26 -4.35 -10.23 16.86
CA THR A 26 -3.01 -10.17 17.40
C THR A 26 -3.12 -9.81 18.89
N ASP A 27 -2.44 -10.61 19.74
CA ASP A 27 -2.42 -10.40 21.20
C ASP A 27 -0.99 -10.42 21.68
N SER A 28 -0.65 -9.54 22.62
CA SER A 28 0.68 -9.51 23.20
C SER A 28 0.69 -9.38 24.68
N VAL A 29 1.77 -9.87 25.26
CA VAL A 29 2.07 -9.73 26.68
C VAL A 29 3.54 -9.39 26.80
N VAL A 30 3.89 -8.71 27.88
CA VAL A 30 5.25 -8.37 28.11
C VAL A 30 5.63 -8.85 29.46
N TRP A 31 6.82 -9.48 29.54
CA TRP A 31 7.41 -9.99 30.78
C TRP A 31 8.76 -9.37 31.09
N LEU A 32 8.98 -9.12 32.37
CA LEU A 32 10.28 -8.77 32.88
C LEU A 32 10.61 -9.87 33.90
N GLY A 33 11.58 -10.73 33.56
CA GLY A 33 11.79 -11.99 34.29
C GLY A 33 10.47 -12.79 34.24
N ASP A 34 9.98 -13.17 35.40
CA ASP A 34 8.70 -13.82 35.57
C ASP A 34 7.55 -12.88 36.05
N LEU A 35 7.73 -11.57 35.89
CA LEU A 35 6.62 -10.63 36.15
C LEU A 35 6.05 -9.97 34.89
N GLN A 36 4.73 -10.00 34.77
CA GLN A 36 4.06 -9.40 33.66
C GLN A 36 4.02 -7.91 33.84
N THR A 37 4.46 -7.17 32.84
CA THR A 37 4.41 -5.71 32.91
C THR A 37 3.40 -5.06 31.97
N HIS A 38 3.04 -5.75 30.89
CA HIS A 38 2.12 -5.14 29.91
C HIS A 38 1.21 -6.22 29.29
N ARG A 39 0.13 -5.77 28.70
CA ARG A 39 -0.84 -6.64 28.11
C ARG A 39 -1.39 -5.85 26.94
N TRP A 40 -1.55 -6.47 25.79
CA TRP A 40 -2.17 -5.79 24.69
C TRP A 40 -3.04 -6.74 23.90
N SER A 41 -4.28 -6.78 24.30
CA SER A 41 -5.28 -7.57 23.67
C SER A 41 -5.69 -7.02 22.26
N ASN A 42 -5.96 -7.91 21.31
CA ASN A 42 -6.55 -7.51 20.03
C ASN A 42 -7.70 -6.48 20.12
N ASP A 43 -8.53 -6.65 21.15
CA ASP A 43 -9.71 -5.85 21.41
C ASP A 43 -9.44 -4.40 21.79
N SER A 44 -8.23 -4.12 22.23
CA SER A 44 -7.88 -2.85 22.83
C SER A 44 -7.05 -1.97 21.90
N ALA A 45 -7.41 -0.68 21.82
CA ALA A 45 -6.64 0.23 20.97
C ALA A 45 -5.26 0.51 21.56
N THR A 46 -5.15 0.37 22.88
CA THR A 46 -3.96 0.81 23.61
C THR A 46 -3.35 -0.33 24.41
N ILE A 47 -2.03 -0.26 24.64
CA ILE A 47 -1.31 -1.20 25.48
C ILE A 47 -1.69 -0.95 26.94
N SER A 48 -1.97 -1.98 27.73
CA SER A 48 -2.22 -1.74 29.16
C SER A 48 -1.02 -2.06 30.03
N PHE A 49 -0.83 -1.24 31.07
CA PHE A 49 0.15 -1.50 32.11
C PHE A 49 -0.41 -2.51 33.09
N THR A 50 0.35 -3.54 33.42
CA THR A 50 -0.11 -4.47 34.43
C THR A 50 0.64 -4.21 35.75
N LYS A 51 1.55 -3.22 35.76
CA LYS A 51 2.17 -2.81 37.04
C LYS A 51 2.08 -1.30 37.20
N PRO A 52 2.17 -0.79 38.45
CA PRO A 52 2.21 0.68 38.54
C PRO A 52 3.45 1.27 37.86
N TRP A 53 4.50 0.48 37.71
CA TRP A 53 5.79 0.97 37.23
C TRP A 53 6.09 0.60 35.77
N SER A 54 5.07 0.13 35.04
CA SER A 54 5.24 -0.34 33.68
C SER A 54 5.68 0.69 32.66
N GLN A 55 5.57 1.97 32.99
CA GLN A 55 6.05 2.99 32.07
C GLN A 55 7.56 3.17 32.24
N GLY A 56 8.11 2.61 33.31
CA GLY A 56 9.53 2.71 33.56
C GLY A 56 9.94 4.15 33.80
N LYS A 57 10.99 4.60 33.12
CA LYS A 57 11.43 6.00 33.31
C LYS A 57 11.10 6.90 32.12
N LEU A 58 10.32 6.39 31.17
CA LEU A 58 9.80 7.22 30.08
C LEU A 58 8.86 8.32 30.53
N SER A 59 9.00 9.51 29.95
CA SER A 59 7.99 10.55 30.15
C SER A 59 6.67 10.19 29.44
N ASN A 60 5.61 10.86 29.85
CA ASN A 60 4.33 10.73 29.19
C ASN A 60 4.44 10.93 27.67
N GLN A 61 5.14 11.96 27.25
CA GLN A 61 5.31 12.25 25.82
C GLN A 61 6.00 11.07 25.14
N GLN A 62 7.05 10.54 25.74
CA GLN A 62 7.82 9.48 25.08
C GLN A 62 7.03 8.19 24.96
N TRP A 63 6.21 7.94 25.99
CA TRP A 63 5.39 6.75 26.02
C TRP A 63 4.25 6.83 24.99
N GLU A 64 3.56 7.97 24.96
CA GLU A 64 2.42 8.14 24.06
C GLU A 64 2.91 7.97 22.62
N LYS A 65 4.11 8.48 22.37
CA LYS A 65 4.75 8.38 21.06
C LYS A 65 5.07 6.94 20.72
N LEU A 66 5.67 6.23 21.68
CA LEU A 66 6.05 4.84 21.47
C LEU A 66 4.81 3.95 21.25
N GLN A 67 3.77 4.15 22.04
CA GLN A 67 2.55 3.39 21.90
C GLN A 67 1.92 3.64 20.53
N HIS A 68 1.96 4.89 20.08
CA HIS A 68 1.43 5.22 18.79
C HIS A 68 2.13 4.42 17.68
N MET A 69 3.46 4.40 17.69
CA MET A 69 4.22 3.60 16.73
C MET A 69 3.82 2.11 16.80
N PHE A 70 3.58 1.57 18.00
CA PHE A 70 3.15 0.16 18.08
C PHE A 70 1.74 0.00 17.48
N GLN A 71 0.89 1.01 17.66
CA GLN A 71 -0.47 0.93 17.18
C GLN A 71 -0.46 0.78 15.68
N VAL A 72 0.37 1.60 15.01
CA VAL A 72 0.50 1.50 13.58
C VAL A 72 1.16 0.16 13.15
N TYR A 73 2.20 -0.25 13.85
CA TYR A 73 2.88 -1.49 13.60
C TYR A 73 1.89 -2.69 13.60
N ARG A 74 0.99 -2.74 14.58
CA ARG A 74 0.05 -3.86 14.65
C ARG A 74 -0.82 -3.99 13.36
N VAL A 75 -1.32 -2.87 12.85
CA VAL A 75 -2.03 -2.82 11.57
C VAL A 75 -1.08 -3.15 10.39
N SER A 76 0.18 -2.73 10.47
CA SER A 76 1.08 -2.90 9.33
C SER A 76 1.46 -4.34 9.20
N PHE A 77 1.74 -4.96 10.35
CA PHE A 77 2.14 -6.35 10.49
C PHE A 77 1.07 -7.25 9.89
N THR A 78 -0.18 -6.95 10.24
CA THR A 78 -1.31 -7.74 9.84
C THR A 78 -1.49 -7.78 8.32
N ARG A 79 -1.35 -6.62 7.68
CA ARG A 79 -1.48 -6.54 6.23
C ARG A 79 -0.22 -7.10 5.54
N ASP A 80 0.95 -6.97 6.18
CA ASP A 80 2.17 -7.53 5.58
C ASP A 80 2.12 -9.07 5.52
N ILE A 81 1.70 -9.72 6.63
CA ILE A 81 1.48 -11.15 6.58
C ILE A 81 0.50 -11.54 5.49
N GLN A 82 -0.66 -10.88 5.42
CA GLN A 82 -1.67 -11.22 4.42
C GLN A 82 -1.15 -11.07 3.00
N GLU A 83 -0.34 -10.03 2.76
CA GLU A 83 0.31 -9.87 1.46
C GLU A 83 1.38 -10.91 1.22
N LEU A 84 2.19 -11.22 2.23
CA LEU A 84 3.19 -12.25 2.10
C LEU A 84 2.58 -13.60 1.77
N VAL A 85 1.39 -13.90 2.31
CA VAL A 85 0.70 -15.16 1.96
C VAL A 85 0.25 -15.18 0.51
N LYS A 86 -0.23 -14.04 -0.01
CA LYS A 86 -0.71 -13.97 -1.37
C LYS A 86 0.47 -14.16 -2.30
N MET A 87 1.60 -13.62 -1.88
CA MET A 87 2.83 -13.76 -2.65
C MET A 87 3.33 -15.21 -2.76
N MET A 88 3.10 -16.00 -1.71
CA MET A 88 3.63 -17.38 -1.67
C MET A 88 2.63 -18.36 -2.23
N SER A 89 1.40 -17.88 -2.39
CA SER A 89 0.29 -18.69 -2.86
C SER A 89 0.61 -19.45 -4.16
N PRO A 90 0.18 -20.73 -4.26
CA PRO A 90 -0.52 -21.53 -3.22
C PRO A 90 0.37 -22.37 -2.29
N LYS A 91 1.66 -22.05 -2.23
CA LYS A 91 2.62 -22.82 -1.42
C LYS A 91 2.20 -22.88 0.06
N GLU A 92 1.85 -21.73 0.64
CA GLU A 92 1.36 -21.68 2.03
C GLU A 92 -0.09 -21.24 2.07
N ASP A 93 -0.91 -21.88 2.89
CA ASP A 93 -2.21 -21.29 3.07
C ASP A 93 -2.68 -21.21 4.53
N TYR A 94 -3.77 -20.49 4.76
CA TYR A 94 -4.39 -20.39 6.08
C TYR A 94 -4.89 -21.74 6.57
N PRO A 95 -5.03 -21.96 7.90
CA PRO A 95 -4.78 -21.08 9.04
C PRO A 95 -3.30 -20.93 9.32
N ILE A 96 -2.88 -19.72 9.66
CA ILE A 96 -1.50 -19.49 9.96
C ILE A 96 -1.34 -18.92 11.36
N GLU A 97 -0.31 -19.38 12.08
CA GLU A 97 0.10 -18.80 13.37
C GLU A 97 1.53 -18.27 13.34
N ILE A 98 1.68 -16.97 13.60
CA ILE A 98 2.98 -16.30 13.72
C ILE A 98 3.20 -15.94 15.20
N GLN A 99 4.38 -16.21 15.76
CA GLN A 99 4.73 -15.69 17.11
C GLN A 99 6.03 -14.92 17.02
N LEU A 100 6.14 -13.83 17.78
CA LEU A 100 7.35 -13.07 17.89
C LEU A 100 7.75 -13.02 19.33
N SER A 101 9.03 -13.25 19.59
CA SER A 101 9.62 -13.01 20.90
C SER A 101 10.77 -12.00 20.72
N ALA A 102 10.62 -10.82 21.31
CA ALA A 102 11.60 -9.72 21.20
C ALA A 102 11.88 -9.09 22.57
N GLY A 103 13.11 -8.58 22.76
CA GLY A 103 13.48 -7.98 24.03
C GLY A 103 14.98 -8.04 24.23
N CYS A 104 15.41 -8.02 25.47
CA CYS A 104 16.83 -8.01 25.73
C CYS A 104 17.15 -8.62 27.06
N GLU A 105 18.31 -9.24 27.15
CA GLU A 105 18.81 -9.68 28.44
C GLU A 105 19.81 -8.66 28.99
N MET A 106 19.58 -8.21 30.22
CA MET A 106 20.41 -7.23 30.90
C MET A 106 21.44 -7.89 31.80
N TYR A 107 22.69 -7.48 31.63
CA TYR A 107 23.81 -8.05 32.35
C TYR A 107 24.39 -7.01 33.31
N PRO A 108 25.25 -7.42 34.27
CA PRO A 108 25.85 -6.48 35.20
C PRO A 108 26.73 -5.46 34.50
N GLY A 109 26.46 -4.21 34.84
CA GLY A 109 27.17 -3.07 34.31
C GLY A 109 26.31 -2.40 33.27
N ASN A 110 26.95 -2.13 32.15
CA ASN A 110 26.35 -1.40 31.06
C ASN A 110 25.93 -2.35 29.95
N ALA A 111 25.99 -3.66 30.18
CA ALA A 111 25.92 -4.65 29.10
C ALA A 111 24.53 -5.26 28.90
N SER A 112 24.21 -5.58 27.64
CA SER A 112 22.99 -6.30 27.27
C SER A 112 23.12 -6.99 25.89
N GLU A 113 22.22 -7.94 25.62
CA GLU A 113 22.03 -8.50 24.29
C GLU A 113 20.54 -8.45 23.92
N SER A 114 20.23 -8.05 22.69
CA SER A 114 18.85 -8.02 22.26
C SER A 114 18.57 -9.16 21.27
N PHE A 115 17.31 -9.46 21.06
CA PHE A 115 16.95 -10.53 20.15
C PHE A 115 15.56 -10.21 19.59
N LEU A 116 15.28 -10.78 18.43
CA LEU A 116 13.96 -10.71 17.81
C LEU A 116 13.80 -12.04 17.04
N HIS A 117 13.11 -12.99 17.67
CA HIS A 117 12.87 -14.31 17.08
C HIS A 117 11.43 -14.47 16.57
N VAL A 118 11.27 -15.10 15.41
CA VAL A 118 9.97 -15.27 14.76
C VAL A 118 9.68 -16.76 14.54
N ALA A 119 8.54 -17.23 15.04
CA ALA A 119 8.10 -18.57 14.76
C ALA A 119 6.91 -18.58 13.80
N PHE A 120 6.95 -19.52 12.87
CA PHE A 120 5.84 -19.75 11.89
C PHE A 120 5.26 -21.17 12.11
N GLN A 121 3.96 -21.25 12.37
CA GLN A 121 3.31 -22.51 12.73
C GLN A 121 4.05 -23.20 13.88
N GLY A 122 4.52 -22.41 14.83
CA GLY A 122 5.11 -22.94 16.04
C GLY A 122 6.57 -23.39 15.94
N LYS A 123 7.24 -23.05 14.82
CA LYS A 123 8.64 -23.39 14.62
C LYS A 123 9.43 -22.13 14.39
N TYR A 124 10.53 -22.02 15.10
CA TYR A 124 11.43 -20.89 15.02
C TYR A 124 12.15 -20.88 13.65
N VAL A 125 11.94 -19.84 12.83
CA VAL A 125 12.47 -19.82 11.47
C VAL A 125 13.26 -18.58 11.06
N VAL A 126 13.04 -17.49 11.78
CA VAL A 126 13.54 -16.21 11.32
C VAL A 126 13.98 -15.35 12.50
N ARG A 127 15.07 -14.60 12.36
CA ARG A 127 15.43 -13.62 13.38
C ARG A 127 15.94 -12.37 12.73
N PHE A 128 15.92 -11.26 13.47
CA PHE A 128 16.66 -10.08 13.09
C PHE A 128 18.02 -10.14 13.70
N TRP A 129 19.02 -9.87 12.91
CA TRP A 129 20.35 -10.06 13.36
C TRP A 129 21.25 -9.05 12.63
N GLY A 130 21.95 -8.22 13.40
CA GLY A 130 22.81 -7.17 12.81
C GLY A 130 21.98 -6.04 12.20
N THR A 131 21.84 -6.05 10.87
CA THR A 131 21.09 -5.03 10.13
C THR A 131 20.02 -5.60 9.20
N SER A 132 19.74 -6.90 9.32
CA SER A 132 18.78 -7.52 8.43
C SER A 132 18.12 -8.76 9.04
N TRP A 133 17.01 -9.17 8.41
CA TRP A 133 16.34 -10.42 8.70
C TRP A 133 17.09 -11.59 8.06
N GLN A 134 17.10 -12.71 8.74
CA GLN A 134 17.72 -13.92 8.20
C GLN A 134 16.93 -15.16 8.66
N THR A 135 16.96 -16.22 7.85
CA THR A 135 16.35 -17.49 8.28
C THR A 135 17.36 -18.21 9.14
N VAL A 136 16.91 -19.08 10.02
CA VAL A 136 17.81 -19.81 10.91
C VAL A 136 18.01 -21.23 10.35
N PRO A 137 19.01 -21.98 10.84
CA PRO A 137 19.15 -23.37 10.30
C PRO A 137 17.88 -24.21 10.51
N GLY A 138 17.54 -25.02 9.51
CA GLY A 138 16.34 -25.86 9.55
C GLY A 138 15.12 -25.19 8.92
N ALA A 139 15.24 -23.91 8.59
CA ALA A 139 14.15 -23.19 7.98
C ALA A 139 13.89 -23.67 6.54
N PRO A 140 12.62 -23.64 6.10
CA PRO A 140 12.35 -24.07 4.70
C PRO A 140 12.79 -22.98 3.72
N SER A 141 13.28 -23.36 2.55
CA SER A 141 13.79 -22.40 1.58
C SER A 141 12.77 -21.37 1.04
N TRP A 142 11.47 -21.67 1.08
CA TRP A 142 10.51 -20.73 0.46
C TRP A 142 10.56 -19.39 1.21
N LEU A 143 11.01 -19.42 2.45
CA LEU A 143 11.11 -18.22 3.29
C LEU A 143 12.06 -17.17 2.73
N ASP A 144 12.97 -17.59 1.85
CA ASP A 144 13.88 -16.69 1.20
C ASP A 144 13.21 -15.57 0.43
N LEU A 145 12.02 -15.79 -0.13
CA LEU A 145 11.36 -14.68 -0.81
C LEU A 145 10.81 -13.66 0.21
N PRO A 146 9.99 -14.09 1.19
CA PRO A 146 9.67 -13.12 2.25
C PRO A 146 10.88 -12.42 2.89
N ILE A 147 11.99 -13.15 3.18
CA ILE A 147 13.19 -12.48 3.69
C ILE A 147 13.69 -11.40 2.72
N LYS A 148 13.75 -11.73 1.44
CA LYS A 148 14.21 -10.80 0.44
C LYS A 148 13.31 -9.56 0.42
N VAL A 149 12.00 -9.79 0.55
CA VAL A 149 11.07 -8.68 0.50
C VAL A 149 11.18 -7.82 1.76
N LEU A 150 11.19 -8.46 2.91
CA LEU A 150 11.42 -7.74 4.18
C LEU A 150 12.73 -6.96 4.19
N ASN A 151 13.78 -7.53 3.63
CA ASN A 151 15.08 -6.81 3.61
C ASN A 151 15.14 -5.70 2.63
N ALA A 152 14.18 -5.62 1.71
CA ALA A 152 14.13 -4.47 0.83
C ALA A 152 13.69 -3.25 1.62
N ASP A 153 13.03 -3.46 2.76
CA ASP A 153 12.42 -2.33 3.53
C ASP A 153 13.45 -1.67 4.43
N GLN A 154 14.18 -0.68 3.92
CA GLN A 154 15.26 -0.03 4.66
C GLN A 154 14.76 0.67 5.94
N GLY A 155 13.57 1.27 5.87
CA GLY A 155 13.00 2.03 7.00
C GLY A 155 12.69 1.09 8.15
N THR A 156 12.24 -0.11 7.82
CA THR A 156 11.98 -1.08 8.88
C THR A 156 13.27 -1.54 9.50
N SER A 157 14.29 -1.71 8.68
CA SER A 157 15.53 -2.21 9.19
C SER A 157 16.13 -1.17 10.16
N ALA A 158 16.11 0.10 9.80
CA ALA A 158 16.68 1.15 10.66
C ALA A 158 15.89 1.25 11.96
N THR A 159 14.56 1.20 11.88
CA THR A 159 13.72 1.20 13.08
C THR A 159 14.05 0.01 14.00
N VAL A 160 14.09 -1.21 13.47
CA VAL A 160 14.37 -2.39 14.29
C VAL A 160 15.78 -2.34 14.95
N GLN A 161 16.80 -1.86 14.22
CA GLN A 161 18.13 -1.74 14.80
C GLN A 161 18.11 -0.76 15.99
N MET A 162 17.30 0.29 15.88
CA MET A 162 17.21 1.31 16.92
C MET A 162 16.44 0.75 18.14
N LEU A 163 15.35 0.03 17.89
CA LEU A 163 14.62 -0.65 18.93
C LEU A 163 15.47 -1.64 19.74
N LEU A 164 16.17 -2.52 19.04
CA LEU A 164 16.99 -3.56 19.66
C LEU A 164 18.27 -3.01 20.28
N ASN A 165 18.97 -2.11 19.59
CA ASN A 165 20.24 -1.63 20.12
C ASN A 165 20.13 -0.55 21.18
N ASP A 166 19.07 0.25 21.19
CA ASP A 166 19.04 1.46 22.03
C ASP A 166 17.79 1.53 22.88
N THR A 167 16.62 1.49 22.23
CA THR A 167 15.37 1.73 22.93
C THR A 167 15.13 0.66 23.96
N CYS A 168 15.29 -0.61 23.57
CA CYS A 168 15.00 -1.70 24.48
C CYS A 168 15.86 -1.69 25.77
N PRO A 169 17.21 -1.75 25.66
CA PRO A 169 18.01 -1.63 26.89
C PRO A 169 17.77 -0.34 27.71
N LEU A 170 17.62 0.80 27.06
CA LEU A 170 17.31 2.04 27.77
C LEU A 170 16.01 1.92 28.60
N PHE A 171 14.95 1.44 27.95
CA PHE A 171 13.66 1.19 28.57
C PHE A 171 13.74 0.25 29.76
N VAL A 172 14.39 -0.91 29.59
CA VAL A 172 14.50 -1.93 30.62
C VAL A 172 15.28 -1.45 31.81
N ARG A 173 16.34 -0.70 31.56
CA ARG A 173 17.07 -0.13 32.66
C ARG A 173 16.15 0.74 33.52
N GLY A 174 15.25 1.47 32.88
CA GLY A 174 14.31 2.28 33.62
C GLY A 174 13.30 1.43 34.36
N LEU A 175 12.87 0.34 33.74
CA LEU A 175 11.95 -0.57 34.37
C LEU A 175 12.54 -1.17 35.62
N LEU A 176 13.82 -1.55 35.56
CA LEU A 176 14.53 -2.16 36.70
C LEU A 176 14.62 -1.24 37.89
N GLU A 177 14.86 0.04 37.64
CA GLU A 177 14.86 1.00 38.73
C GLU A 177 13.44 1.20 39.28
N ALA A 178 12.46 1.40 38.40
CA ALA A 178 11.07 1.65 38.85
C ALA A 178 10.41 0.44 39.56
N GLY A 179 10.67 -0.75 39.08
CA GLY A 179 10.07 -1.93 39.68
C GLY A 179 10.90 -2.68 40.73
N LYS A 180 12.00 -2.06 41.19
CA LYS A 180 12.95 -2.70 42.10
C LYS A 180 12.23 -3.40 43.27
N SER A 181 11.30 -2.67 43.85
CA SER A 181 10.56 -3.07 45.02
C SER A 181 9.78 -4.36 44.78
N ASP A 182 9.01 -4.42 43.70
CA ASP A 182 8.30 -5.63 43.30
C ASP A 182 9.26 -6.71 42.82
N LEU A 183 10.30 -6.34 42.08
CA LEU A 183 11.24 -7.33 41.59
C LEU A 183 11.93 -8.09 42.69
N GLU A 184 12.19 -7.41 43.79
CA GLU A 184 12.89 -7.99 44.91
C GLU A 184 11.98 -8.39 46.07
N LYS A 185 10.67 -8.48 45.83
CA LYS A 185 9.75 -9.00 46.85
C LYS A 185 10.08 -10.45 47.22
N GLN A 186 9.88 -10.73 48.50
CA GLN A 186 10.02 -12.05 49.07
C GLN A 186 8.65 -12.47 49.62
N GLU A 187 8.18 -13.64 49.22
CA GLU A 187 6.90 -14.15 49.65
C GLU A 187 7.12 -15.54 50.19
N LYS A 188 6.59 -15.81 51.39
CA LYS A 188 6.88 -17.02 52.13
C LYS A 188 6.05 -18.19 51.63
N PRO A 189 6.67 -19.37 51.43
CA PRO A 189 5.84 -20.54 51.12
C PRO A 189 5.05 -21.00 52.33
N VAL A 190 3.95 -21.71 52.07
CA VAL A 190 3.19 -22.45 53.08
C VAL A 190 3.15 -23.86 52.52
N ALA A 191 3.40 -24.86 53.36
CA ALA A 191 3.42 -26.26 52.91
C ALA A 191 2.37 -27.09 53.59
N TRP A 192 1.97 -28.16 52.93
CA TRP A 192 1.10 -29.16 53.54
C TRP A 192 1.32 -30.52 52.88
N LEU A 193 0.84 -31.56 53.56
CA LEU A 193 1.13 -32.93 53.19
C LEU A 193 -0.13 -33.70 52.84
N SER A 194 0.04 -34.67 51.95
CA SER A 194 -0.99 -35.68 51.68
C SER A 194 -0.35 -36.98 51.14
N SER A 195 -1.18 -37.96 50.82
CA SER A 195 -0.71 -39.21 50.22
C SER A 195 -1.74 -39.75 49.23
N VAL A 196 -1.30 -40.64 48.34
CA VAL A 196 -2.19 -41.37 47.42
C VAL A 196 -1.82 -42.85 47.31
N PRO A 197 -2.80 -43.73 46.97
CA PRO A 197 -2.50 -45.18 46.94
C PRO A 197 -2.07 -45.72 45.57
N GLN A 205 1.79 -42.85 47.33
CA GLN A 205 2.96 -42.01 47.53
C GLN A 205 2.63 -40.69 48.24
N LEU A 206 3.62 -40.16 48.94
CA LEU A 206 3.48 -38.97 49.77
C LEU A 206 3.80 -37.71 48.95
N VAL A 207 3.14 -36.62 49.32
CA VAL A 207 3.21 -35.39 48.55
C VAL A 207 3.42 -34.21 49.49
N CYS A 208 4.46 -33.46 49.24
CA CYS A 208 4.65 -32.22 49.97
C CYS A 208 4.27 -31.02 49.09
N HIS A 209 3.20 -30.35 49.46
CA HIS A 209 2.69 -29.24 48.67
C HIS A 209 3.31 -27.95 49.18
N VAL A 210 3.88 -27.15 48.29
CA VAL A 210 4.49 -25.90 48.69
C VAL A 210 3.94 -24.79 47.79
N SER A 211 3.35 -23.76 48.41
CA SER A 211 2.62 -22.75 47.65
C SER A 211 2.74 -21.35 48.27
N GLY A 212 2.80 -20.32 47.42
CA GLY A 212 2.83 -18.94 47.89
C GLY A 212 4.19 -18.26 47.86
N PHE A 213 5.20 -18.95 47.35
CA PHE A 213 6.56 -18.43 47.44
C PHE A 213 6.98 -17.61 46.24
N TYR A 214 7.80 -16.62 46.53
CA TYR A 214 8.48 -15.80 45.56
C TYR A 214 9.78 -15.26 46.20
N PRO A 215 10.91 -15.25 45.46
CA PRO A 215 11.07 -15.72 44.08
C PRO A 215 11.15 -17.23 43.94
N LYS A 216 11.31 -17.69 42.71
CA LYS A 216 11.29 -19.12 42.31
C LYS A 216 12.28 -20.07 43.00
N PRO A 217 13.59 -19.71 43.10
CA PRO A 217 14.48 -20.68 43.78
C PRO A 217 13.90 -21.23 45.09
N VAL A 218 13.87 -22.55 45.19
CA VAL A 218 13.30 -23.25 46.31
C VAL A 218 13.96 -24.63 46.47
N TRP A 219 14.00 -25.13 47.70
CA TRP A 219 14.56 -26.45 48.00
C TRP A 219 13.58 -27.27 48.84
N VAL A 220 13.08 -28.35 48.26
CA VAL A 220 12.11 -29.21 48.93
C VAL A 220 12.67 -30.62 48.99
N MET A 221 12.86 -31.17 50.18
CA MET A 221 13.33 -32.54 50.31
C MET A 221 12.59 -33.30 51.37
N TRP A 222 12.33 -34.57 51.09
CA TRP A 222 11.86 -35.50 52.10
C TRP A 222 13.05 -35.98 52.93
N MET A 223 12.84 -36.04 54.24
CA MET A 223 13.89 -36.43 55.20
C MET A 223 13.34 -37.48 56.14
N ARG A 224 14.16 -38.46 56.48
CA ARG A 224 13.94 -39.18 57.74
C ARG A 224 15.10 -38.72 58.65
N GLY A 225 14.77 -37.76 59.53
CA GLY A 225 15.73 -37.23 60.50
C GLY A 225 16.81 -36.34 59.92
N ASP A 226 18.02 -36.89 59.82
CA ASP A 226 19.20 -36.16 59.35
C ASP A 226 19.39 -36.39 57.86
N GLN A 227 18.66 -37.37 57.32
CA GLN A 227 19.02 -37.99 56.04
C GLN A 227 18.02 -37.71 54.92
N GLU A 228 18.54 -37.16 53.82
CA GLU A 228 17.76 -36.84 52.62
C GLU A 228 17.40 -38.11 51.84
N GLN A 229 16.18 -38.18 51.33
CA GLN A 229 15.77 -39.37 50.57
C GLN A 229 16.12 -39.28 49.09
N GLN A 230 16.91 -40.25 48.61
CA GLN A 230 17.24 -40.39 47.19
C GLN A 230 16.05 -40.11 46.27
N GLY A 231 14.93 -40.80 46.55
CA GLY A 231 13.81 -40.90 45.63
C GLY A 231 12.94 -39.69 45.36
N THR A 232 13.05 -38.66 46.21
CA THR A 232 12.26 -37.44 46.06
C THR A 232 12.16 -36.96 44.60
N HIS A 233 10.93 -36.70 44.14
CA HIS A 233 10.65 -36.27 42.78
C HIS A 233 9.97 -34.90 42.81
N ARG A 234 10.74 -33.87 42.48
CA ARG A 234 10.26 -32.49 42.33
C ARG A 234 9.37 -32.36 41.08
N GLY A 235 8.15 -31.87 41.25
CA GLY A 235 7.26 -31.57 40.11
C GLY A 235 7.67 -30.30 39.38
N ASP A 236 6.87 -29.86 38.41
CA ASP A 236 7.16 -28.62 37.69
C ASP A 236 6.72 -27.44 38.55
N PHE A 237 7.32 -26.28 38.35
CA PHE A 237 6.83 -25.05 38.97
C PHE A 237 5.52 -24.63 38.31
N LEU A 238 4.50 -24.41 39.13
CA LEU A 238 3.17 -24.05 38.63
C LEU A 238 2.84 -22.66 39.17
N PRO A 239 2.26 -21.80 38.34
CA PRO A 239 2.00 -20.45 38.84
C PRO A 239 0.68 -20.34 39.62
N ASN A 240 0.68 -19.42 40.59
CA ASN A 240 -0.54 -18.94 41.22
C ASN A 240 -0.99 -17.63 40.59
N ALA A 241 -2.26 -17.26 40.77
CA ALA A 241 -2.78 -16.07 40.13
C ALA A 241 -2.23 -14.76 40.67
N ASP A 242 -1.67 -14.77 41.88
CA ASP A 242 -1.13 -13.58 42.52
C ASP A 242 0.36 -13.43 42.31
N GLU A 243 0.91 -14.10 41.30
CA GLU A 243 2.35 -14.02 40.98
C GLU A 243 3.26 -14.59 42.08
N THR A 244 2.87 -15.72 42.62
CA THR A 244 3.72 -16.49 43.49
C THR A 244 3.78 -17.84 42.81
N TRP A 245 4.59 -18.72 43.36
CA TRP A 245 4.76 -20.04 42.76
C TRP A 245 4.22 -21.17 43.61
N TYR A 246 3.99 -22.30 42.94
CA TYR A 246 3.52 -23.54 43.55
C TYR A 246 4.41 -24.67 43.06
N LEU A 247 4.78 -25.60 43.97
CA LEU A 247 5.58 -26.78 43.59
C LEU A 247 5.24 -27.96 44.50
N GLN A 248 5.20 -29.16 43.94
CA GLN A 248 5.13 -30.39 44.77
C GLN A 248 6.34 -31.32 44.63
N ALA A 249 6.71 -31.97 45.74
CA ALA A 249 7.74 -33.01 45.72
C ALA A 249 7.13 -34.31 46.22
N THR A 250 7.25 -35.36 45.42
CA THR A 250 6.66 -36.66 45.77
C THR A 250 7.72 -37.67 46.23
N LEU A 251 7.33 -38.61 47.08
CA LEU A 251 8.19 -39.74 47.45
C LEU A 251 7.37 -41.01 47.56
N ASP A 252 7.74 -42.02 46.78
CA ASP A 252 7.11 -43.32 46.89
C ASP A 252 7.72 -44.07 48.07
N VAL A 253 6.87 -44.66 48.91
CA VAL A 253 7.29 -45.56 50.00
C VAL A 253 6.37 -46.77 50.13
N GLU A 254 6.88 -47.87 50.65
CA GLU A 254 6.03 -49.00 51.05
C GLU A 254 5.11 -48.53 52.19
N ALA A 255 3.87 -49.03 52.20
CA ALA A 255 2.91 -48.66 53.24
C ALA A 255 3.36 -49.17 54.62
N GLY A 256 3.23 -48.32 55.62
CA GLY A 256 3.72 -48.62 56.97
C GLY A 256 4.97 -47.83 57.32
N GLU A 257 5.68 -47.37 56.29
CA GLU A 257 6.96 -46.67 56.49
C GLU A 257 6.81 -45.15 56.50
N GLU A 258 5.57 -44.67 56.55
CA GLU A 258 5.26 -43.25 56.60
C GLU A 258 5.87 -42.58 57.82
N ALA A 259 5.68 -43.21 58.97
CA ALA A 259 6.08 -42.67 60.26
C ALA A 259 7.55 -42.23 60.31
N GLY A 260 7.77 -40.96 60.67
CA GLY A 260 9.12 -40.46 60.91
C GLY A 260 9.72 -39.79 59.70
N LEU A 261 8.93 -39.63 58.65
CA LEU A 261 9.35 -38.88 57.49
C LEU A 261 8.93 -37.43 57.67
N ALA A 262 9.80 -36.50 57.31
CA ALA A 262 9.44 -35.09 57.29
C ALA A 262 9.67 -34.49 55.92
N CYS A 263 8.89 -33.46 55.59
CA CYS A 263 9.13 -32.62 54.44
C CYS A 263 9.89 -31.39 54.92
N ARG A 264 10.94 -31.02 54.20
CA ARG A 264 11.71 -29.83 54.55
C ARG A 264 11.83 -28.87 53.37
N VAL A 265 11.47 -27.60 53.63
CA VAL A 265 11.49 -26.56 52.63
C VAL A 265 12.43 -25.46 53.03
N LYS A 266 13.32 -25.11 52.12
CA LYS A 266 14.20 -23.95 52.27
C LYS A 266 13.84 -22.92 51.21
N HIS A 267 13.73 -21.66 51.61
CA HIS A 267 13.43 -20.57 50.67
C HIS A 267 13.99 -19.28 51.25
N SER A 268 14.49 -18.40 50.38
CA SER A 268 15.09 -17.13 50.81
C SER A 268 14.21 -16.30 51.75
N SER A 269 12.89 -16.46 51.63
CA SER A 269 11.93 -15.64 52.37
C SER A 269 11.87 -15.92 53.86
N LEU A 270 12.34 -17.10 54.24
CA LEU A 270 12.24 -17.64 55.60
C LEU A 270 13.33 -17.18 56.54
N GLY A 271 14.37 -16.56 55.97
CA GLY A 271 15.49 -16.12 56.76
C GLY A 271 16.17 -17.28 57.44
N GLY A 272 16.27 -18.40 56.73
CA GLY A 272 16.89 -19.62 57.25
C GLY A 272 16.14 -20.37 58.34
N GLN A 273 14.88 -20.02 58.57
CA GLN A 273 14.04 -20.84 59.44
C GLN A 273 13.23 -21.75 58.52
N ASP A 274 13.79 -22.91 58.17
CA ASP A 274 13.15 -23.87 57.27
C ASP A 274 11.76 -24.27 57.77
N ILE A 275 10.87 -24.62 56.84
CA ILE A 275 9.62 -25.30 57.18
C ILE A 275 9.98 -26.77 57.36
N ILE A 276 9.50 -27.34 58.46
CA ILE A 276 9.72 -28.74 58.73
C ILE A 276 8.36 -29.32 59.09
N LEU A 277 7.92 -30.31 58.31
CA LEU A 277 6.62 -30.94 58.52
C LEU A 277 6.71 -32.46 58.64
N TYR A 278 6.46 -32.98 59.82
CA TYR A 278 6.47 -34.43 60.01
C TYR A 278 5.12 -34.99 59.59
N TRP A 279 5.15 -36.18 59.01
CA TRP A 279 3.92 -36.95 58.80
C TRP A 279 3.34 -37.39 60.14
N GLN B 2 0.73 -29.94 15.72
CA GLN B 2 -0.46 -29.90 16.63
C GLN B 2 -0.19 -30.71 17.91
N LYS B 3 -0.31 -30.05 19.06
CA LYS B 3 0.03 -30.70 20.34
C LYS B 3 -1.03 -30.53 21.42
N THR B 4 -1.19 -31.61 22.18
CA THR B 4 -2.20 -31.84 23.22
C THR B 4 -1.97 -31.02 24.49
N PRO B 5 -3.05 -30.46 25.07
CA PRO B 5 -2.88 -29.67 26.27
C PRO B 5 -2.71 -30.55 27.51
N GLN B 6 -1.72 -30.21 28.34
CA GLN B 6 -1.59 -30.80 29.65
C GLN B 6 -2.40 -29.96 30.61
N ILE B 7 -3.06 -30.59 31.58
CA ILE B 7 -3.92 -29.91 32.52
C ILE B 7 -3.51 -30.23 33.96
N GLN B 8 -3.35 -29.20 34.79
CA GLN B 8 -2.98 -29.38 36.19
C GLN B 8 -3.89 -28.52 37.07
N VAL B 9 -4.58 -29.19 38.02
CA VAL B 9 -5.55 -28.56 38.91
C VAL B 9 -5.01 -28.61 40.34
N TYR B 10 -4.97 -27.46 41.01
CA TYR B 10 -4.39 -27.37 42.34
C TYR B 10 -4.95 -26.16 43.09
N SER B 11 -4.90 -26.21 44.41
CA SER B 11 -5.47 -25.14 45.22
C SER B 11 -4.38 -24.17 45.60
N ARG B 12 -4.71 -22.88 45.75
CA ARG B 12 -3.70 -21.86 46.16
C ARG B 12 -3.22 -22.05 47.61
N HIS B 13 -4.16 -22.34 48.52
CA HIS B 13 -3.84 -22.49 49.94
C HIS B 13 -4.16 -23.94 50.30
N PRO B 14 -3.68 -24.41 51.47
CA PRO B 14 -4.04 -25.76 51.92
C PRO B 14 -5.55 -25.98 52.09
N PRO B 15 -6.09 -27.05 51.48
CA PRO B 15 -7.50 -27.37 51.41
C PRO B 15 -8.09 -27.75 52.75
N GLU B 16 -9.06 -26.97 53.19
CA GLU B 16 -9.70 -27.24 54.45
C GLU B 16 -11.20 -27.17 54.21
N ASN B 17 -11.89 -28.29 54.41
CA ASN B 17 -13.35 -28.31 54.24
C ASN B 17 -14.04 -27.13 54.93
N GLY B 18 -14.88 -26.43 54.20
CA GLY B 18 -15.67 -25.33 54.75
C GLY B 18 -15.00 -23.95 54.67
N LYS B 19 -13.74 -23.90 54.21
CA LYS B 19 -12.99 -22.63 54.12
C LYS B 19 -12.71 -22.14 52.69
N PRO B 20 -13.06 -20.87 52.40
CA PRO B 20 -12.82 -20.23 51.10
C PRO B 20 -11.35 -20.34 50.68
N ASN B 21 -11.14 -20.69 49.42
CA ASN B 21 -9.81 -20.94 48.87
C ASN B 21 -9.85 -20.47 47.39
N ILE B 22 -8.79 -20.73 46.63
CA ILE B 22 -8.81 -20.46 45.22
C ILE B 22 -8.37 -21.75 44.54
N LEU B 23 -9.08 -22.15 43.47
CA LEU B 23 -8.69 -23.30 42.66
C LEU B 23 -8.08 -22.84 41.32
N ASN B 24 -6.92 -23.41 40.99
CA ASN B 24 -6.19 -23.12 39.76
C ASN B 24 -6.28 -24.24 38.74
N CYS B 25 -6.41 -23.86 37.47
CA CYS B 25 -6.32 -24.82 36.40
C CYS B 25 -5.29 -24.27 35.39
N TYR B 26 -4.17 -24.96 35.31
CA TYR B 26 -3.06 -24.54 34.50
C TYR B 26 -2.96 -25.44 33.26
N VAL B 27 -3.12 -24.84 32.08
CA VAL B 27 -3.20 -25.61 30.85
C VAL B 27 -1.99 -25.23 29.98
N THR B 28 -1.25 -26.24 29.53
CA THR B 28 0.05 -25.97 28.95
C THR B 28 0.30 -26.85 27.79
N GLN B 29 1.40 -26.54 27.09
CA GLN B 29 2.00 -27.37 26.04
C GLN B 29 1.10 -27.55 24.83
N PHE B 30 0.19 -26.60 24.57
CA PHE B 30 -0.72 -26.75 23.40
C PHE B 30 -0.40 -25.84 22.20
N HIS B 31 -0.86 -26.27 21.02
CA HIS B 31 -0.85 -25.48 19.80
CA HIS B 31 -0.75 -25.52 19.75
C HIS B 31 -1.79 -26.14 18.81
N PRO B 32 -2.59 -25.33 18.11
CA PRO B 32 -2.65 -23.87 18.05
C PRO B 32 -3.30 -23.29 19.30
N PRO B 33 -3.25 -21.95 19.46
CA PRO B 33 -3.62 -21.35 20.74
C PRO B 33 -5.13 -21.24 20.98
N HIS B 34 -5.94 -21.54 19.99
CA HIS B 34 -7.38 -21.53 20.22
C HIS B 34 -7.82 -22.73 21.07
N ILE B 35 -8.51 -22.42 22.16
CA ILE B 35 -8.82 -23.37 23.20
C ILE B 35 -10.01 -22.90 24.03
N GLU B 36 -10.80 -23.84 24.56
CA GLU B 36 -11.92 -23.55 25.45
C GLU B 36 -11.72 -24.30 26.77
N ILE B 37 -11.70 -23.51 27.86
CA ILE B 37 -11.44 -23.99 29.22
C ILE B 37 -12.64 -23.65 30.13
N GLN B 38 -13.17 -24.66 30.83
CA GLN B 38 -14.21 -24.46 31.83
C GLN B 38 -13.78 -25.07 33.15
N MET B 39 -14.21 -24.43 34.23
CA MET B 39 -14.10 -25.04 35.52
C MET B 39 -15.49 -25.42 35.97
N LEU B 40 -15.59 -26.60 36.57
CA LEU B 40 -16.88 -27.21 36.90
C LEU B 40 -16.96 -27.51 38.37
N LYS B 41 -18.16 -27.35 38.92
CA LYS B 41 -18.44 -27.76 40.26
C LYS B 41 -19.60 -28.75 40.11
N ASN B 42 -19.38 -29.97 40.59
CA ASN B 42 -20.33 -31.07 40.38
C ASN B 42 -20.84 -31.17 38.94
N GLY B 43 -19.94 -31.02 37.98
CA GLY B 43 -20.30 -31.17 36.58
C GLY B 43 -20.92 -29.95 35.95
N LYS B 44 -21.25 -28.94 36.76
CA LYS B 44 -21.84 -27.70 36.25
C LYS B 44 -20.82 -26.57 36.15
N LYS B 45 -20.93 -25.78 35.09
CA LYS B 45 -20.08 -24.62 34.86
C LYS B 45 -20.10 -23.56 36.00
N ILE B 46 -18.91 -23.22 36.49
CA ILE B 46 -18.70 -22.13 37.44
C ILE B 46 -18.64 -20.82 36.63
N PRO B 47 -19.43 -19.80 37.05
CA PRO B 47 -19.57 -18.57 36.26
C PRO B 47 -18.43 -17.54 36.40
N LYS B 48 -17.90 -17.32 37.60
CA LYS B 48 -16.92 -16.23 37.77
C LYS B 48 -15.46 -16.66 37.53
N VAL B 49 -15.15 -17.21 36.37
CA VAL B 49 -13.81 -17.79 36.20
C VAL B 49 -12.85 -16.77 35.56
N GLU B 50 -11.83 -16.37 36.31
CA GLU B 50 -10.84 -15.42 35.80
C GLU B 50 -9.80 -16.17 34.99
N MET B 51 -9.34 -15.53 33.93
CA MET B 51 -8.36 -16.13 33.05
C MET B 51 -7.15 -15.23 32.95
N SER B 52 -5.94 -15.78 33.08
CA SER B 52 -4.73 -14.98 32.83
C SER B 52 -4.66 -14.72 31.33
N ASP B 53 -3.82 -13.79 30.89
CA ASP B 53 -3.57 -13.66 29.46
C ASP B 53 -2.90 -14.89 28.88
N MET B 54 -3.19 -15.25 27.64
CA MET B 54 -2.41 -16.33 27.08
C MET B 54 -0.99 -15.86 26.86
N SER B 55 -0.06 -16.79 26.96
CA SER B 55 1.30 -16.50 26.78
C SER B 55 1.91 -17.76 26.18
N PHE B 56 3.23 -17.77 26.01
CA PHE B 56 3.92 -18.94 25.52
C PHE B 56 5.35 -19.01 26.03
N SER B 57 5.88 -20.24 26.04
CA SER B 57 7.18 -20.56 26.62
C SER B 57 8.29 -20.46 25.62
N LYS B 58 9.49 -20.71 26.13
CA LYS B 58 10.68 -20.79 25.35
C LYS B 58 10.62 -21.79 24.20
N ASP B 59 9.87 -22.86 24.32
CA ASP B 59 9.67 -23.79 23.19
C ASP B 59 8.50 -23.41 22.27
N TRP B 60 7.94 -22.22 22.47
CA TRP B 60 6.92 -21.65 21.59
C TRP B 60 5.52 -22.20 21.83
N SER B 61 5.36 -23.12 22.78
CA SER B 61 4.04 -23.67 23.13
C SER B 61 3.32 -22.77 24.12
N PHE B 62 1.99 -22.77 24.00
CA PHE B 62 1.12 -21.86 24.73
C PHE B 62 0.75 -22.36 26.12
N TYR B 63 0.46 -21.43 27.04
CA TYR B 63 -0.06 -21.77 28.36
C TYR B 63 -0.98 -20.68 28.85
N ILE B 64 -1.90 -21.03 29.76
CA ILE B 64 -2.88 -20.11 30.30
C ILE B 64 -3.32 -20.61 31.70
N LEU B 65 -3.64 -19.69 32.60
CA LEU B 65 -3.99 -20.05 33.95
C LEU B 65 -5.40 -19.58 34.19
N ALA B 66 -6.28 -20.51 34.56
CA ALA B 66 -7.63 -20.14 34.99
C ALA B 66 -7.62 -20.37 36.47
N HIS B 67 -8.40 -19.55 37.18
CA HIS B 67 -8.55 -19.72 38.60
C HIS B 67 -9.91 -19.22 39.02
N THR B 68 -10.45 -19.82 40.09
CA THR B 68 -11.72 -19.39 40.68
C THR B 68 -11.78 -19.58 42.21
N GLU B 69 -12.55 -18.73 42.88
CA GLU B 69 -12.88 -18.93 44.30
C GLU B 69 -13.65 -20.23 44.45
N PHE B 70 -13.39 -20.94 45.54
CA PHE B 70 -14.14 -22.14 45.86
C PHE B 70 -13.98 -22.50 47.31
N THR B 71 -14.92 -23.28 47.80
CA THR B 71 -14.89 -23.82 49.12
C THR B 71 -14.96 -25.34 48.96
N PRO B 72 -13.88 -26.04 49.31
CA PRO B 72 -13.94 -27.50 49.31
C PRO B 72 -14.90 -28.02 50.38
N THR B 73 -15.58 -29.12 50.07
CA THR B 73 -16.40 -29.81 51.05
C THR B 73 -16.11 -31.29 50.88
N GLU B 74 -16.65 -32.10 51.78
CA GLU B 74 -16.49 -33.55 51.69
C GLU B 74 -17.13 -34.13 50.41
N THR B 75 -18.18 -33.47 49.88
CA THR B 75 -19.03 -34.04 48.84
C THR B 75 -18.98 -33.40 47.44
N ASP B 76 -18.49 -32.16 47.36
CA ASP B 76 -18.49 -31.43 46.09
C ASP B 76 -17.27 -31.81 45.26
N THR B 77 -17.48 -32.08 43.97
CA THR B 77 -16.35 -32.35 43.08
C THR B 77 -16.01 -31.12 42.23
N TYR B 78 -14.73 -30.94 41.93
CA TYR B 78 -14.27 -29.81 41.12
C TYR B 78 -13.45 -30.35 40.00
N ALA B 79 -13.62 -29.77 38.82
CA ALA B 79 -12.93 -30.26 37.64
C ALA B 79 -12.61 -29.11 36.68
N CYS B 80 -11.70 -29.38 35.75
CA CYS B 80 -11.37 -28.44 34.69
C CYS B 80 -11.53 -29.17 33.39
N ARG B 81 -12.41 -28.66 32.52
CA ARG B 81 -12.72 -29.25 31.24
C ARG B 81 -12.12 -28.44 30.11
N VAL B 82 -11.46 -29.14 29.17
CA VAL B 82 -10.72 -28.51 28.06
C VAL B 82 -11.11 -29.07 26.72
N LYS B 83 -11.42 -28.16 25.79
CA LYS B 83 -11.67 -28.49 24.40
C LYS B 83 -10.56 -27.84 23.61
N HIS B 84 -9.98 -28.63 22.70
CA HIS B 84 -8.91 -28.19 21.84
C HIS B 84 -8.92 -29.11 20.63
N ALA B 85 -8.51 -28.57 19.48
CA ALA B 85 -8.64 -29.24 18.18
C ALA B 85 -7.79 -30.51 18.07
N SER B 86 -6.74 -30.58 18.88
CA SER B 86 -5.86 -31.76 18.98
C SER B 86 -6.58 -32.97 19.59
N MET B 87 -7.75 -32.74 20.17
CA MET B 87 -8.50 -33.81 20.80
C MET B 87 -9.87 -33.96 20.19
N ALA B 88 -10.30 -35.23 20.03
CA ALA B 88 -11.61 -35.58 19.52
C ALA B 88 -12.67 -35.35 20.58
N GLU B 89 -12.31 -35.57 21.84
CA GLU B 89 -13.23 -35.40 22.95
C GLU B 89 -12.63 -34.45 23.96
N PRO B 90 -13.48 -33.63 24.61
CA PRO B 90 -13.04 -32.77 25.68
C PRO B 90 -12.37 -33.60 26.77
N LYS B 91 -11.29 -33.05 27.36
CA LYS B 91 -10.65 -33.70 28.48
C LYS B 91 -11.01 -33.01 29.80
N THR B 92 -11.43 -33.82 30.75
CA THR B 92 -11.76 -33.34 32.07
C THR B 92 -10.72 -33.89 33.05
N VAL B 93 -10.08 -32.99 33.78
CA VAL B 93 -9.20 -33.36 34.87
C VAL B 93 -9.86 -32.88 36.15
N TYR B 94 -10.03 -33.81 37.09
CA TYR B 94 -10.65 -33.55 38.39
C TYR B 94 -9.65 -33.07 39.42
N TRP B 95 -10.06 -32.14 40.26
CA TRP B 95 -9.27 -31.81 41.44
C TRP B 95 -9.23 -33.00 42.41
N ASP B 96 -8.01 -33.45 42.71
CA ASP B 96 -7.81 -34.43 43.76
C ASP B 96 -7.27 -33.79 45.04
N ARG B 97 -5.96 -33.87 45.30
CA ARG B 97 -5.44 -33.53 46.67
C ARG B 97 -4.34 -34.50 47.11
N THR C 3 -10.55 9.28 0.83
CA THR C 3 -9.48 10.00 0.08
C THR C 3 -8.41 10.57 1.01
N GLN C 4 -7.27 9.89 1.04
CA GLN C 4 -6.21 10.18 1.98
C GLN C 4 -5.12 11.11 1.48
N VAL C 5 -5.20 11.51 0.22
CA VAL C 5 -4.19 12.39 -0.36
C VAL C 5 -4.93 13.55 -1.03
N GLU C 6 -4.72 14.75 -0.51
CA GLU C 6 -5.35 15.96 -1.04
C GLU C 6 -4.34 16.98 -1.59
N GLN C 7 -4.62 17.46 -2.78
CA GLN C 7 -3.74 18.38 -3.45
C GLN C 7 -4.46 19.69 -3.62
N SER C 8 -3.70 20.76 -3.63
CA SER C 8 -4.22 22.11 -3.77
C SER C 8 -3.10 22.92 -4.44
N PRO C 9 -3.49 23.89 -5.28
CA PRO C 9 -4.88 24.15 -5.67
C PRO C 9 -5.36 23.08 -6.65
N GLN C 10 -6.64 23.11 -7.01
CA GLN C 10 -7.19 22.19 -8.01
C GLN C 10 -6.60 22.55 -9.38
N SER C 11 -6.57 23.85 -9.65
CA SER C 11 -5.87 24.34 -10.85
C SER C 11 -5.40 25.78 -10.69
N LEU C 12 -4.43 26.19 -11.48
CA LEU C 12 -3.94 27.55 -11.50
C LEU C 12 -3.42 27.90 -12.88
N VAL C 13 -3.47 29.20 -13.20
CA VAL C 13 -2.98 29.68 -14.47
C VAL C 13 -1.84 30.65 -14.15
N VAL C 14 -0.66 30.42 -14.71
CA VAL C 14 0.44 31.35 -14.50
C VAL C 14 1.08 31.82 -15.80
N ARG C 15 1.77 32.95 -15.71
CA ARG C 15 2.44 33.50 -16.87
C ARG C 15 3.83 32.95 -16.96
N GLN C 16 4.26 32.62 -18.17
CA GLN C 16 5.62 32.13 -18.42
C GLN C 16 6.66 32.94 -17.66
N GLY C 17 7.52 32.27 -16.89
CA GLY C 17 8.59 32.98 -16.20
C GLY C 17 8.34 33.11 -14.71
N GLU C 18 7.07 32.94 -14.32
CA GLU C 18 6.64 33.06 -12.94
C GLU C 18 6.95 31.74 -12.22
N ASN C 19 7.24 31.81 -10.94
CA ASN C 19 7.33 30.61 -10.11
C ASN C 19 5.93 30.19 -9.70
N CYS C 20 5.73 28.90 -9.42
CA CYS C 20 4.60 28.49 -8.61
C CYS C 20 4.90 27.34 -7.62
N VAL C 21 3.96 27.14 -6.70
CA VAL C 21 4.08 26.18 -5.62
C VAL C 21 2.79 25.35 -5.56
N LEU C 22 2.93 24.03 -5.54
CA LEU C 22 1.80 23.11 -5.43
C LEU C 22 1.89 22.40 -4.09
N GLN C 23 0.76 22.12 -3.47
CA GLN C 23 0.78 21.47 -2.16
C GLN C 23 0.12 20.12 -2.17
N CYS C 24 0.58 19.26 -1.27
CA CYS C 24 0.02 17.94 -1.10
C CYS C 24 -0.11 17.68 0.40
N ASN C 25 -1.30 17.29 0.86
CA ASN C 25 -1.49 16.95 2.27
C ASN C 25 -2.08 15.56 2.35
N TYR C 26 -1.60 14.75 3.28
CA TYR C 26 -2.09 13.37 3.33
C TYR C 26 -2.38 12.90 4.76
N SER C 27 -3.16 11.83 4.87
CA SER C 27 -3.35 11.12 6.15
C SER C 27 -2.90 9.64 6.06
N VAL C 28 -2.32 9.23 4.93
CA VAL C 28 -1.79 7.88 4.76
C VAL C 28 -0.83 7.55 5.91
N THR C 29 -0.98 6.36 6.48
CA THR C 29 -0.18 5.91 7.62
C THR C 29 0.13 4.42 7.42
N PRO C 30 1.42 4.02 7.57
CA PRO C 30 2.61 4.87 7.67
C PRO C 30 2.95 5.47 6.29
N ASP C 31 3.82 6.46 6.27
CA ASP C 31 4.19 7.16 5.03
C ASP C 31 5.68 6.98 4.80
N ASN C 32 6.02 5.98 4.00
CA ASN C 32 7.39 5.67 3.69
C ASN C 32 8.03 6.68 2.74
N HIS C 33 7.36 7.00 1.63
CA HIS C 33 7.95 7.97 0.67
C HIS C 33 6.84 8.67 -0.07
N LEU C 34 7.19 9.79 -0.68
CA LEU C 34 6.25 10.59 -1.38
C LEU C 34 6.84 10.93 -2.74
N ARG C 35 6.08 10.65 -3.80
CA ARG C 35 6.60 10.95 -5.11
C ARG C 35 5.77 11.99 -5.86
N TRP C 36 6.42 12.85 -6.64
CA TRP C 36 5.66 13.73 -7.55
C TRP C 36 5.80 13.29 -9.00
N PHE C 37 4.65 13.25 -9.70
CA PHE C 37 4.65 12.93 -11.09
C PHE C 37 4.12 14.14 -11.87
N LYS C 38 4.61 14.26 -13.12
CA LYS C 38 4.12 15.12 -14.14
C LYS C 38 3.42 14.27 -15.22
N GLN C 39 2.19 14.64 -15.57
CA GLN C 39 1.43 14.03 -16.65
C GLN C 39 0.90 15.07 -17.66
N ASP C 40 1.47 15.11 -18.85
CA ASP C 40 0.96 15.97 -19.94
C ASP C 40 -0.36 15.41 -20.45
N THR C 41 -1.15 16.28 -21.02
CA THR C 41 -2.50 15.93 -21.43
C THR C 41 -2.40 14.88 -22.53
N GLY C 42 -3.04 13.75 -22.29
CA GLY C 42 -2.96 12.62 -23.22
C GLY C 42 -1.81 11.66 -22.95
N LYS C 43 -0.99 11.91 -21.95
CA LYS C 43 0.22 11.16 -21.81
C LYS C 43 0.33 10.37 -20.52
N GLY C 44 1.51 9.80 -20.27
CA GLY C 44 1.76 9.00 -19.10
C GLY C 44 2.36 9.79 -17.99
N LEU C 45 2.84 9.07 -16.99
CA LEU C 45 3.34 9.66 -15.78
C LEU C 45 4.83 9.72 -15.85
N VAL C 46 5.39 10.91 -15.74
CA VAL C 46 6.84 11.08 -15.60
C VAL C 46 7.16 11.42 -14.15
N SER C 47 7.97 10.58 -13.51
CA SER C 47 8.46 10.82 -12.13
C SER C 47 9.40 12.04 -12.06
N LEU C 48 9.11 13.00 -11.19
CA LEU C 48 9.93 14.23 -11.03
C LEU C 48 10.94 14.10 -9.88
N THR C 49 10.49 13.54 -8.74
CA THR C 49 11.30 13.40 -7.57
C THR C 49 10.63 12.46 -6.59
N VAL C 50 11.41 11.90 -5.67
CA VAL C 50 10.85 11.12 -4.58
C VAL C 50 11.56 11.58 -3.30
N LEU C 51 10.77 11.74 -2.23
CA LEU C 51 11.23 12.24 -0.96
C LEU C 51 10.99 11.10 0.01
N VAL C 52 11.99 10.81 0.86
CA VAL C 52 11.97 9.59 1.69
C VAL C 52 12.26 9.86 3.20
N ASP C 53 12.80 11.04 3.53
CA ASP C 53 13.21 11.32 4.91
C ASP C 53 12.13 12.09 5.70
N GLN C 54 12.25 12.04 7.01
CA GLN C 54 11.32 12.67 7.92
C GLN C 54 11.11 14.15 7.56
N LYS C 55 12.21 14.88 7.42
CA LYS C 55 12.29 16.24 6.88
C LYS C 55 13.18 16.08 5.66
N ASP C 56 12.69 16.38 4.49
CA ASP C 56 13.43 16.12 3.27
C ASP C 56 13.26 17.24 2.26
N LYS C 57 14.26 17.40 1.39
CA LYS C 57 14.26 18.38 0.28
C LYS C 57 14.94 17.75 -0.93
N THR C 58 14.42 17.98 -2.11
CA THR C 58 15.03 17.45 -3.31
C THR C 58 14.91 18.49 -4.41
N SER C 59 15.66 18.28 -5.48
CA SER C 59 15.56 19.13 -6.65
C SER C 59 15.94 18.38 -7.91
N ASN C 60 15.56 18.95 -9.02
CA ASN C 60 15.66 18.31 -10.30
C ASN C 60 15.41 19.43 -11.28
N GLY C 61 16.48 20.12 -11.67
CA GLY C 61 16.37 21.26 -12.56
C GLY C 61 15.57 22.38 -11.91
N ARG C 62 14.52 22.81 -12.59
CA ARG C 62 13.72 23.94 -12.13
C ARG C 62 12.68 23.45 -11.10
N TYR C 63 12.66 22.14 -10.82
CA TYR C 63 11.76 21.53 -9.79
C TYR C 63 12.48 21.36 -8.45
N SER C 64 11.85 21.79 -7.36
CA SER C 64 12.26 21.40 -6.01
C SER C 64 11.05 21.00 -5.16
N ALA C 65 11.32 20.24 -4.11
CA ALA C 65 10.26 19.71 -3.32
C ALA C 65 10.71 19.63 -1.90
N THR C 66 9.74 19.73 -0.97
CA THR C 66 10.00 19.53 0.45
C THR C 66 9.04 18.44 0.97
N LEU C 67 9.43 17.73 2.01
CA LEU C 67 8.50 16.81 2.68
C LEU C 67 8.71 16.99 4.15
N ASP C 68 7.59 17.10 4.87
CA ASP C 68 7.58 17.11 6.33
C ASP C 68 6.60 16.03 6.75
N LYS C 69 7.13 14.89 7.19
CA LYS C 69 6.32 13.76 7.61
C LYS C 69 5.55 14.02 8.90
N ASP C 70 6.07 14.82 9.82
CA ASP C 70 5.34 15.18 11.04
C ASP C 70 4.03 15.90 10.66
N ALA C 71 4.11 16.84 9.73
CA ALA C 71 2.89 17.53 9.24
C ALA C 71 2.18 16.83 8.07
N LYS C 72 2.74 15.74 7.56
CA LYS C 72 2.16 15.06 6.38
C LYS C 72 1.83 16.07 5.26
N HIS C 73 2.88 16.77 4.85
CA HIS C 73 2.76 17.89 3.96
C HIS C 73 3.96 17.95 3.01
N SER C 74 3.67 18.08 1.73
CA SER C 74 4.71 18.28 0.75
C SER C 74 4.41 19.47 -0.17
N THR C 75 5.45 20.15 -0.66
CA THR C 75 5.28 21.15 -1.71
C THR C 75 6.17 20.83 -2.91
N LEU C 76 5.69 21.14 -4.10
CA LEU C 76 6.49 21.13 -5.31
C LEU C 76 6.60 22.58 -5.85
N HIS C 77 7.84 23.05 -5.98
CA HIS C 77 8.11 24.39 -6.44
CA HIS C 77 8.13 24.41 -6.46
C HIS C 77 8.61 24.26 -7.89
N ILE C 78 8.05 25.09 -8.78
CA ILE C 78 8.51 25.14 -10.14
C ILE C 78 9.05 26.54 -10.26
N THR C 79 10.37 26.67 -10.48
CA THR C 79 10.98 27.97 -10.69
C THR C 79 10.94 28.35 -12.18
N ALA C 80 10.63 29.61 -12.47
CA ALA C 80 10.63 30.13 -13.84
C ALA C 80 9.86 29.18 -14.83
N THR C 81 8.54 29.13 -14.72
CA THR C 81 7.75 28.21 -15.53
C THR C 81 7.96 28.40 -17.03
N LEU C 82 7.92 27.30 -17.76
CA LEU C 82 7.92 27.33 -19.23
C LEU C 82 6.61 26.73 -19.70
N LEU C 83 6.26 27.06 -20.94
CA LEU C 83 5.19 26.45 -21.69
C LEU C 83 5.07 24.93 -21.51
N ASP C 84 6.18 24.20 -21.61
CA ASP C 84 6.16 22.74 -21.43
C ASP C 84 5.82 22.29 -20.00
N ASP C 85 5.62 23.24 -19.06
CA ASP C 85 5.23 22.88 -17.70
C ASP C 85 3.71 22.67 -17.58
N THR C 86 2.96 23.12 -18.58
CA THR C 86 1.52 22.89 -18.67
C THR C 86 1.23 21.38 -18.55
N ALA C 87 0.48 20.98 -17.52
CA ALA C 87 0.25 19.57 -17.25
C ALA C 87 -0.47 19.43 -15.91
N THR C 88 -0.73 18.18 -15.54
CA THR C 88 -1.30 17.85 -14.26
C THR C 88 -0.17 17.28 -13.39
N TYR C 89 -0.02 17.78 -12.17
CA TYR C 89 1.03 17.29 -11.24
C TYR C 89 0.34 16.46 -10.17
N ILE C 90 0.82 15.23 -9.97
CA ILE C 90 0.17 14.26 -9.10
C ILE C 90 1.12 13.88 -7.95
N CYS C 91 0.57 13.95 -6.74
CA CYS C 91 1.28 13.55 -5.55
C CYS C 91 0.90 12.09 -5.24
N VAL C 92 1.90 11.28 -4.88
CA VAL C 92 1.63 9.85 -4.57
C VAL C 92 2.41 9.42 -3.30
N VAL C 93 1.70 8.83 -2.33
CA VAL C 93 2.35 8.40 -1.10
C VAL C 93 2.46 6.87 -1.06
N GLY C 94 3.68 6.35 -0.91
CA GLY C 94 3.88 4.88 -0.70
C GLY C 94 3.88 4.51 0.78
N ASP C 95 3.03 3.56 1.18
CA ASP C 95 2.91 3.25 2.60
C ASP C 95 3.91 2.19 3.16
N ARG C 96 4.84 1.70 2.31
CA ARG C 96 5.92 0.76 2.68
C ARG C 96 7.19 1.04 1.89
N GLY C 97 8.34 0.69 2.46
CA GLY C 97 9.62 0.77 1.69
C GLY C 97 9.90 -0.52 0.88
N SER C 98 8.85 -1.25 0.49
CA SER C 98 8.98 -2.48 -0.30
C SER C 98 7.72 -2.70 -1.14
N ALA C 99 7.70 -3.80 -1.90
CA ALA C 99 6.59 -4.17 -2.74
C ALA C 99 5.32 -4.60 -1.95
N LEU C 100 5.42 -4.73 -0.64
CA LEU C 100 4.26 -5.00 0.20
C LEU C 100 3.37 -3.74 0.29
N GLY C 101 3.87 -2.63 -0.23
CA GLY C 101 3.22 -1.33 -0.09
C GLY C 101 2.13 -1.11 -1.10
N ARG C 102 1.26 -0.17 -0.81
CA ARG C 102 0.26 0.30 -1.76
C ARG C 102 0.58 1.77 -2.01
N LEU C 103 0.20 2.24 -3.20
CA LEU C 103 0.43 3.63 -3.62
C LEU C 103 -0.90 4.34 -3.46
N HIS C 104 -0.84 5.57 -2.93
CA HIS C 104 -2.05 6.35 -2.70
C HIS C 104 -1.94 7.61 -3.52
N PHE C 105 -2.82 7.75 -4.50
CA PHE C 105 -2.66 8.79 -5.51
C PHE C 105 -3.51 9.99 -5.18
N GLY C 106 -2.91 11.19 -5.18
CA GLY C 106 -3.71 12.43 -5.21
C GLY C 106 -4.49 12.53 -6.53
N ALA C 107 -5.48 13.41 -6.59
CA ALA C 107 -6.24 13.60 -7.82
C ALA C 107 -5.58 14.63 -8.73
N GLY C 108 -4.44 15.18 -8.38
CA GLY C 108 -3.79 16.08 -9.30
C GLY C 108 -4.03 17.57 -9.14
N THR C 109 -3.09 18.33 -9.65
CA THR C 109 -3.29 19.76 -9.73
C THR C 109 -3.04 20.11 -11.17
N GLN C 110 -3.96 20.83 -11.77
CA GLN C 110 -3.75 21.23 -13.13
C GLN C 110 -3.04 22.62 -13.32
N LEU C 111 -1.86 22.62 -13.93
CA LEU C 111 -1.17 23.87 -14.21
C LEU C 111 -1.30 24.29 -15.67
N ILE C 112 -1.68 25.56 -15.90
CA ILE C 112 -1.60 26.13 -17.23
C ILE C 112 -0.61 27.33 -17.29
N VAL C 113 0.30 27.30 -18.26
CA VAL C 113 1.28 28.36 -18.42
C VAL C 113 1.00 29.17 -19.66
N ILE C 114 0.84 30.50 -19.50
CA ILE C 114 0.58 31.40 -20.61
C ILE C 114 1.87 31.81 -21.28
N PRO C 115 2.00 31.58 -22.59
CA PRO C 115 3.25 31.91 -23.28
C PRO C 115 3.51 33.41 -23.35
N ASP C 116 4.76 33.81 -23.15
CA ASP C 116 5.18 35.20 -23.36
C ASP C 116 5.40 35.45 -24.88
N ILE C 117 4.55 36.27 -25.51
CA ILE C 117 4.71 36.58 -26.94
C ILE C 117 5.28 38.00 -27.03
N GLN C 118 6.54 38.10 -27.43
CA GLN C 118 7.29 39.35 -27.24
C GLN C 118 7.16 40.30 -28.42
N ASN C 119 7.04 39.74 -29.62
CA ASN C 119 6.90 40.54 -30.83
C ASN C 119 5.69 40.11 -31.65
N PRO C 120 4.48 40.57 -31.24
CA PRO C 120 3.27 40.16 -31.96
C PRO C 120 3.16 40.84 -33.35
N ASP C 121 2.61 40.10 -34.31
CA ASP C 121 2.45 40.57 -35.69
C ASP C 121 1.12 40.02 -36.25
N PRO C 122 -0.03 40.42 -35.64
CA PRO C 122 -1.32 39.77 -35.93
C PRO C 122 -1.81 39.88 -37.38
N ALA C 123 -2.17 38.73 -37.96
CA ALA C 123 -2.61 38.66 -39.35
C ALA C 123 -3.64 37.56 -39.57
N VAL C 124 -4.40 37.69 -40.65
CA VAL C 124 -5.35 36.68 -41.07
C VAL C 124 -5.08 36.30 -42.53
N TYR C 125 -4.64 35.06 -42.72
CA TYR C 125 -4.18 34.55 -44.01
C TYR C 125 -5.13 33.53 -44.59
N GLN C 126 -5.14 33.42 -45.91
CA GLN C 126 -5.95 32.41 -46.58
C GLN C 126 -5.06 31.29 -47.13
N LEU C 127 -5.37 30.06 -46.73
CA LEU C 127 -4.61 28.88 -47.17
C LEU C 127 -5.43 28.03 -48.13
N ARG C 128 -4.83 27.58 -49.23
CA ARG C 128 -5.61 26.75 -50.14
C ARG C 128 -5.27 25.26 -50.04
N ASP C 129 -6.27 24.43 -50.33
CA ASP C 129 -6.18 22.99 -50.22
C ASP C 129 -5.20 22.43 -51.24
N SER C 130 -4.35 21.52 -50.77
CA SER C 130 -3.32 20.89 -51.61
C SER C 130 -3.87 20.15 -52.84
N LYS C 131 -5.15 19.77 -52.82
CA LYS C 131 -5.71 18.96 -53.91
C LYS C 131 -6.94 19.58 -54.58
N SER C 132 -7.59 20.54 -53.94
CA SER C 132 -8.74 21.25 -54.55
C SER C 132 -8.49 22.75 -54.58
N SER C 133 -8.53 23.32 -55.78
CA SER C 133 -8.38 24.75 -55.93
C SER C 133 -9.37 25.48 -55.01
N ASP C 134 -10.65 25.08 -55.11
CA ASP C 134 -11.79 25.80 -54.50
C ASP C 134 -11.91 25.81 -52.96
N LYS C 135 -11.20 24.92 -52.27
CA LYS C 135 -11.34 24.80 -50.80
C LYS C 135 -10.27 25.61 -50.08
N SER C 136 -10.65 26.27 -48.98
CA SER C 136 -9.72 27.09 -48.22
C SER C 136 -10.01 27.08 -46.72
N VAL C 137 -9.03 27.53 -45.94
CA VAL C 137 -9.22 27.86 -44.53
C VAL C 137 -8.67 29.25 -44.29
N CYS C 138 -9.11 29.88 -43.20
CA CYS C 138 -8.52 31.14 -42.77
C CYS C 138 -7.74 30.98 -41.46
N LEU C 139 -6.51 31.46 -41.47
CA LEU C 139 -5.62 31.31 -40.32
C LEU C 139 -5.38 32.66 -39.69
N PHE C 140 -5.82 32.82 -38.45
CA PHE C 140 -5.55 34.06 -37.68
C PHE C 140 -4.33 33.76 -36.82
N THR C 141 -3.26 34.53 -36.98
CA THR C 141 -2.02 34.14 -36.33
C THR C 141 -1.19 35.29 -35.80
N ASP C 142 -0.26 34.95 -34.90
CA ASP C 142 0.75 35.85 -34.34
C ASP C 142 0.18 36.94 -33.42
N PHE C 143 -0.98 36.69 -32.83
CA PHE C 143 -1.53 37.66 -31.88
C PHE C 143 -0.94 37.39 -30.49
N ASP C 144 -0.95 38.37 -29.60
CA ASP C 144 -0.44 38.11 -28.26
C ASP C 144 -1.51 37.43 -27.39
N SER C 145 -1.12 37.00 -26.20
CA SER C 145 -1.99 36.10 -25.42
C SER C 145 -3.14 36.81 -24.71
N GLN C 146 -3.15 38.13 -24.80
CA GLN C 146 -4.28 38.88 -24.30
C GLN C 146 -5.51 38.71 -25.21
N THR C 147 -5.28 38.41 -26.48
CA THR C 147 -6.37 38.19 -27.42
C THR C 147 -7.09 36.85 -27.19
N ASN C 148 -8.41 36.90 -27.16
CA ASN C 148 -9.27 35.73 -27.03
C ASN C 148 -9.95 35.41 -28.34
N VAL C 149 -10.05 34.12 -28.68
CA VAL C 149 -10.77 33.75 -29.89
C VAL C 149 -12.18 33.32 -29.52
N SER C 150 -13.16 34.02 -30.08
CA SER C 150 -14.56 33.69 -29.85
C SER C 150 -15.11 32.74 -30.92
N GLN C 151 -16.01 31.87 -30.50
CA GLN C 151 -16.70 30.95 -31.40
C GLN C 151 -17.62 31.69 -32.38
N SER C 152 -17.87 31.07 -33.53
CA SER C 152 -18.58 31.73 -34.63
C SER C 152 -20.03 32.11 -34.33
N LYS C 153 -20.53 33.11 -35.06
CA LYS C 153 -21.93 33.52 -34.99
C LYS C 153 -22.79 32.75 -36.01
N ASP C 154 -22.24 31.69 -36.59
CA ASP C 154 -22.95 30.92 -37.60
C ASP C 154 -22.63 29.43 -37.47
N SER C 155 -23.67 28.60 -37.45
CA SER C 155 -23.52 27.15 -37.31
C SER C 155 -22.82 26.52 -38.50
N ASP C 156 -22.86 27.20 -39.66
CA ASP C 156 -22.16 26.75 -40.87
C ASP C 156 -20.67 27.11 -40.88
N VAL C 157 -20.29 28.03 -40.01
CA VAL C 157 -18.90 28.48 -39.87
C VAL C 157 -18.26 27.80 -38.65
N TYR C 158 -17.00 27.40 -38.79
CA TYR C 158 -16.28 26.72 -37.71
C TYR C 158 -15.02 27.47 -37.33
N ILE C 159 -14.85 27.72 -36.04
CA ILE C 159 -13.65 28.39 -35.54
C ILE C 159 -13.10 27.62 -34.37
N THR C 160 -11.82 27.30 -34.45
CA THR C 160 -11.12 26.56 -33.40
C THR C 160 -10.62 27.54 -32.36
N ASP C 161 -10.20 27.02 -31.19
CA ASP C 161 -9.68 27.90 -30.14
C ASP C 161 -8.23 28.21 -30.50
N LYS C 162 -7.63 29.16 -29.80
CA LYS C 162 -6.25 29.53 -30.07
C LYS C 162 -5.40 28.39 -29.56
N CYS C 163 -4.19 28.27 -30.08
CA CYS C 163 -3.30 27.20 -29.68
C CYS C 163 -1.89 27.74 -29.93
N VAL C 164 -0.91 27.35 -29.13
CA VAL C 164 0.44 27.88 -29.33
C VAL C 164 1.45 26.87 -29.87
N LEU C 165 2.20 27.27 -30.88
CA LEU C 165 3.26 26.40 -31.36
C LEU C 165 4.64 26.98 -31.03
N ASP C 166 5.59 26.08 -30.80
CA ASP C 166 6.93 26.45 -30.43
C ASP C 166 7.88 25.87 -31.49
N MET C 167 8.45 26.77 -32.29
CA MET C 167 9.56 26.45 -33.21
C MET C 167 10.88 26.47 -32.46
N ARG C 168 11.28 25.33 -31.90
CA ARG C 168 12.37 25.29 -30.92
C ARG C 168 13.73 25.76 -31.46
N SER C 169 14.04 25.35 -32.69
CA SER C 169 15.24 25.75 -33.42
C SER C 169 15.39 27.28 -33.51
N MET C 170 14.26 27.97 -33.66
CA MET C 170 14.25 29.43 -33.81
C MET C 170 14.04 30.22 -32.49
N ASP C 171 13.78 29.50 -31.38
CA ASP C 171 13.26 30.10 -30.13
C ASP C 171 12.09 31.07 -30.41
N PHE C 172 11.02 30.53 -30.97
CA PHE C 172 9.92 31.33 -31.48
C PHE C 172 8.56 30.68 -31.24
N LYS C 173 7.69 31.39 -30.54
CA LYS C 173 6.34 30.92 -30.24
C LYS C 173 5.31 31.79 -30.93
N SER C 174 4.24 31.17 -31.41
CA SER C 174 3.09 31.92 -31.97
C SER C 174 1.77 31.25 -31.70
N ASN C 175 0.77 32.07 -31.43
CA ASN C 175 -0.63 31.67 -31.26
C ASN C 175 -1.26 31.61 -32.66
N SER C 176 -2.22 30.73 -32.86
CA SER C 176 -3.00 30.70 -34.08
C SER C 176 -4.39 30.15 -33.77
N ALA C 177 -5.35 30.48 -34.62
CA ALA C 177 -6.66 29.84 -34.61
C ALA C 177 -7.13 29.79 -36.06
N VAL C 178 -7.97 28.81 -36.37
CA VAL C 178 -8.31 28.48 -37.75
C VAL C 178 -9.83 28.56 -37.88
N ALA C 179 -10.31 29.15 -38.96
CA ALA C 179 -11.73 29.14 -39.29
C ALA C 179 -11.94 28.65 -40.71
N TRP C 180 -13.07 28.00 -40.94
CA TRP C 180 -13.51 27.59 -42.29
C TRP C 180 -15.03 27.42 -42.33
N SER C 181 -15.55 27.24 -43.54
CA SER C 181 -17.00 27.10 -43.76
C SER C 181 -17.33 26.39 -45.06
N ASN C 182 -18.27 25.43 -45.00
CA ASN C 182 -18.69 24.64 -46.17
C ASN C 182 -19.53 25.44 -47.16
N LYS C 183 -19.54 26.75 -46.99
CA LYS C 183 -20.09 27.66 -47.99
C LYS C 183 -18.96 28.12 -48.96
N SER C 184 -19.33 28.85 -50.01
CA SER C 184 -18.36 29.45 -50.92
C SER C 184 -18.38 31.00 -50.87
N ASP C 185 -19.53 31.57 -50.49
CA ASP C 185 -19.67 33.02 -50.26
C ASP C 185 -19.30 33.45 -48.84
N PHE C 186 -18.18 32.91 -48.35
CA PHE C 186 -17.63 33.16 -47.01
C PHE C 186 -16.15 33.58 -47.15
N ALA C 187 -15.76 34.62 -46.40
CA ALA C 187 -14.43 35.23 -46.57
C ALA C 187 -13.64 35.41 -45.28
N CYS C 188 -12.32 35.51 -45.45
CA CYS C 188 -11.40 35.70 -44.33
C CYS C 188 -11.63 37.01 -43.56
N ALA C 189 -11.83 38.11 -44.29
CA ALA C 189 -12.10 39.40 -43.68
C ALA C 189 -13.33 39.35 -42.76
N ASN C 190 -14.27 38.45 -43.06
CA ASN C 190 -15.48 38.29 -42.27
C ASN C 190 -15.31 37.21 -41.20
N ALA C 191 -14.32 36.34 -41.40
CA ALA C 191 -14.16 35.13 -40.61
C ALA C 191 -14.11 35.37 -39.12
N PHE C 192 -13.24 36.27 -38.69
CA PHE C 192 -13.02 36.48 -37.26
C PHE C 192 -13.69 37.71 -36.70
N ASN C 193 -14.68 38.24 -37.45
CA ASN C 193 -15.47 39.40 -37.04
C ASN C 193 -15.97 39.30 -35.60
N ASN C 194 -16.41 38.10 -35.23
CA ASN C 194 -17.03 37.86 -33.93
C ASN C 194 -16.08 37.94 -32.73
N SER C 195 -14.78 37.93 -32.98
CA SER C 195 -13.78 38.08 -31.91
C SER C 195 -13.30 39.53 -31.82
N ILE C 196 -12.91 39.94 -30.61
CA ILE C 196 -12.14 41.18 -30.44
C ILE C 196 -10.69 40.87 -30.86
N ILE C 197 -10.39 41.19 -32.12
CA ILE C 197 -9.05 41.01 -32.72
C ILE C 197 -8.37 42.38 -32.71
N PRO C 198 -7.03 42.42 -32.64
CA PRO C 198 -6.29 43.69 -32.45
C PRO C 198 -6.58 44.74 -33.51
N GLU C 199 -6.45 46.01 -33.11
CA GLU C 199 -6.64 47.15 -34.00
C GLU C 199 -5.87 47.03 -35.33
N ASP C 200 -4.62 46.56 -35.27
CA ASP C 200 -3.76 46.57 -36.46
C ASP C 200 -3.51 45.23 -37.17
N THR C 201 -4.48 44.31 -37.12
CA THR C 201 -4.38 43.02 -37.83
C THR C 201 -4.15 43.23 -39.32
N PHE C 202 -3.19 42.48 -39.85
CA PHE C 202 -2.82 42.55 -41.25
C PHE C 202 -3.73 41.66 -42.09
N PHE C 203 -4.46 42.26 -43.01
CA PHE C 203 -5.35 41.56 -43.95
C PHE C 203 -4.87 41.77 -45.39
N PRO C 204 -4.01 40.87 -45.89
CA PRO C 204 -3.53 41.00 -47.28
C PRO C 204 -4.60 40.60 -48.29
N SER C 205 -4.54 41.17 -49.49
CA SER C 205 -5.49 40.82 -50.54
C SER C 205 -4.81 40.15 -51.73
N ALA D 3 14.00 0.31 -17.11
CA ALA D 3 12.88 -0.65 -16.91
C ALA D 3 11.67 -0.25 -17.77
N ALA D 4 11.41 -1.03 -18.84
CA ALA D 4 10.45 -0.69 -19.88
C ALA D 4 9.15 -1.52 -19.87
N VAL D 5 8.02 -0.81 -19.90
CA VAL D 5 6.70 -1.41 -19.86
C VAL D 5 5.88 -0.93 -21.07
N THR D 6 5.24 -1.85 -21.77
CA THR D 6 4.41 -1.54 -22.95
C THR D 6 2.95 -1.99 -22.77
N GLN D 7 2.04 -1.39 -23.52
CA GLN D 7 0.63 -1.66 -23.36
C GLN D 7 0.00 -1.75 -24.69
N SER D 8 -0.91 -2.70 -24.87
CA SER D 8 -1.70 -2.68 -26.07
C SER D 8 -3.06 -3.25 -25.84
N PRO D 9 -4.07 -2.74 -26.59
CA PRO D 9 -3.88 -1.60 -27.52
C PRO D 9 -3.64 -0.31 -26.74
N ARG D 10 -3.21 0.72 -27.44
CA ARG D 10 -3.04 2.03 -26.84
C ARG D 10 -4.34 2.84 -26.80
N ASN D 11 -5.29 2.43 -27.63
CA ASN D 11 -6.51 3.17 -27.77
C ASN D 11 -7.55 2.21 -28.35
N LYS D 12 -8.74 2.21 -27.78
CA LYS D 12 -9.72 1.21 -28.14
C LYS D 12 -11.12 1.78 -28.00
N VAL D 13 -11.88 1.65 -29.09
CA VAL D 13 -13.30 1.88 -29.09
C VAL D 13 -14.02 0.50 -29.10
N ALA D 14 -14.96 0.31 -28.16
CA ALA D 14 -15.64 -0.95 -27.93
C ALA D 14 -17.15 -0.73 -27.72
N VAL D 15 -17.95 -1.79 -27.86
CA VAL D 15 -19.41 -1.69 -27.70
C VAL D 15 -19.83 -2.38 -26.40
N THR D 16 -20.88 -1.90 -25.76
CA THR D 16 -21.43 -2.54 -24.53
C THR D 16 -21.67 -4.03 -24.73
N GLY D 17 -21.15 -4.82 -23.81
CA GLY D 17 -21.33 -6.27 -23.88
C GLY D 17 -20.28 -7.02 -24.68
N GLY D 18 -19.34 -6.31 -25.29
CA GLY D 18 -18.21 -6.96 -25.97
C GLY D 18 -17.10 -7.35 -24.98
N LYS D 19 -16.24 -8.28 -25.40
CA LYS D 19 -15.11 -8.67 -24.63
C LYS D 19 -14.01 -7.73 -25.04
N VAL D 20 -13.30 -7.18 -24.06
CA VAL D 20 -12.13 -6.37 -24.32
C VAL D 20 -10.96 -6.89 -23.47
N THR D 21 -9.81 -7.06 -24.11
CA THR D 21 -8.60 -7.47 -23.41
C THR D 21 -7.55 -6.38 -23.55
N LEU D 22 -6.96 -5.98 -22.42
CA LEU D 22 -5.90 -5.02 -22.44
C LEU D 22 -4.65 -5.70 -21.92
N SER D 23 -3.59 -5.69 -22.73
CA SER D 23 -2.37 -6.38 -22.38
C SER D 23 -1.27 -5.44 -21.96
N CYS D 24 -0.46 -5.96 -21.04
CA CYS D 24 0.73 -5.31 -20.62
C CYS D 24 1.91 -6.27 -20.68
N ASN D 25 2.99 -5.86 -21.35
CA ASN D 25 4.24 -6.62 -21.42
C ASN D 25 5.42 -5.85 -20.80
N GLN D 26 6.21 -6.54 -19.96
CA GLN D 26 7.50 -6.03 -19.45
C GLN D 26 8.66 -7.04 -19.50
N THR D 27 9.84 -6.57 -19.90
CA THR D 27 10.99 -7.45 -20.05
C THR D 27 12.02 -7.30 -18.94
N ASN D 28 11.59 -6.79 -17.79
CA ASN D 28 12.49 -6.40 -16.71
C ASN D 28 12.74 -7.53 -15.77
N ASN D 29 12.09 -8.65 -16.05
CA ASN D 29 12.00 -9.78 -15.14
C ASN D 29 11.42 -9.41 -13.76
N HIS D 30 10.50 -8.45 -13.77
CA HIS D 30 9.81 -8.06 -12.56
C HIS D 30 8.71 -9.06 -12.18
N ASN D 31 8.73 -9.47 -10.93
CA ASN D 31 7.77 -10.42 -10.38
C ASN D 31 6.38 -9.80 -10.35
N ASN D 32 6.33 -8.50 -10.10
CA ASN D 32 5.07 -7.86 -9.70
C ASN D 32 4.44 -6.98 -10.76
N MET D 33 3.13 -7.11 -10.95
CA MET D 33 2.44 -6.26 -11.95
C MET D 33 1.08 -5.76 -11.48
N TYR D 34 0.68 -4.60 -11.94
CA TYR D 34 -0.45 -3.90 -11.35
C TYR D 34 -1.24 -3.22 -12.44
N TRP D 35 -2.57 -3.24 -12.32
CA TRP D 35 -3.43 -2.53 -13.24
C TRP D 35 -4.23 -1.49 -12.52
N TYR D 36 -4.20 -0.26 -13.03
CA TYR D 36 -4.92 0.86 -12.53
C TYR D 36 -5.83 1.51 -13.61
N ARG D 37 -6.85 2.22 -13.14
CA ARG D 37 -7.56 3.11 -14.01
C ARG D 37 -7.57 4.48 -13.40
N GLN D 38 -7.51 5.45 -14.30
CA GLN D 38 -7.53 6.86 -13.96
C GLN D 38 -8.73 7.54 -14.61
N ASP D 39 -9.62 8.11 -13.80
CA ASP D 39 -10.72 8.91 -14.31
C ASP D 39 -10.63 10.32 -13.77
N THR D 40 -11.10 11.27 -14.55
CA THR D 40 -11.13 12.67 -14.10
C THR D 40 -11.67 12.81 -12.65
N GLY D 41 -11.07 13.72 -11.89
CA GLY D 41 -11.50 13.94 -10.52
C GLY D 41 -10.95 12.94 -9.50
N HIS D 42 -10.25 11.90 -9.99
CA HIS D 42 -9.80 10.81 -9.10
C HIS D 42 -8.33 10.55 -9.24
N GLY D 43 -7.70 10.05 -8.19
CA GLY D 43 -6.36 9.51 -8.29
C GLY D 43 -6.45 8.16 -9.03
N LEU D 44 -5.34 7.68 -9.60
CA LEU D 44 -5.28 6.28 -10.06
C LEU D 44 -5.83 5.30 -8.98
N ARG D 45 -6.60 4.31 -9.41
CA ARG D 45 -7.21 3.38 -8.47
C ARG D 45 -6.88 1.96 -8.87
N LEU D 46 -6.45 1.15 -7.92
CA LEU D 46 -5.92 -0.19 -8.23
C LEU D 46 -7.01 -1.20 -8.47
N ILE D 47 -6.93 -1.92 -9.60
CA ILE D 47 -8.00 -2.85 -10.01
C ILE D 47 -7.63 -4.30 -9.65
N HIS D 48 -6.55 -4.79 -10.26
CA HIS D 48 -5.99 -6.10 -9.99
C HIS D 48 -4.46 -5.96 -9.94
N TYR D 49 -3.80 -6.90 -9.26
CA TYR D 49 -2.33 -6.94 -9.28
C TYR D 49 -1.87 -8.35 -9.28
N SER D 50 -0.57 -8.56 -9.41
CA SER D 50 -0.05 -9.95 -9.50
C SER D 50 1.36 -10.03 -8.94
N TYR D 51 1.60 -11.07 -8.16
CA TYR D 51 2.93 -11.31 -7.55
C TYR D 51 3.78 -12.35 -8.29
N GLY D 52 3.23 -12.99 -9.31
CA GLY D 52 4.06 -13.72 -10.26
C GLY D 52 3.15 -14.49 -11.15
N ALA D 53 3.74 -15.28 -12.05
CA ALA D 53 3.00 -16.10 -12.98
C ALA D 53 1.96 -16.99 -12.30
N GLY D 54 0.73 -16.99 -12.83
CA GLY D 54 -0.35 -17.83 -12.29
C GLY D 54 -1.07 -17.18 -11.10
N SER D 55 -0.53 -16.06 -10.59
CA SER D 55 -1.09 -15.35 -9.44
C SER D 55 -1.79 -14.11 -9.97
N THR D 56 -2.97 -13.85 -9.43
CA THR D 56 -3.66 -12.60 -9.64
C THR D 56 -4.37 -12.33 -8.32
N GLU D 57 -4.49 -11.06 -7.97
CA GLU D 57 -5.13 -10.71 -6.75
C GLU D 57 -6.03 -9.56 -7.02
N LYS D 58 -7.14 -9.50 -6.31
CA LYS D 58 -8.02 -8.34 -6.31
C LYS D 58 -7.41 -7.07 -5.67
N GLY D 59 -7.54 -5.95 -6.37
CA GLY D 59 -7.15 -4.63 -5.87
C GLY D 59 -8.36 -3.95 -5.23
N ASP D 60 -8.45 -2.62 -5.34
CA ASP D 60 -9.47 -1.87 -4.60
C ASP D 60 -10.83 -1.83 -5.28
N ILE D 61 -10.81 -1.86 -6.61
CA ILE D 61 -12.01 -1.81 -7.43
C ILE D 61 -12.03 -2.92 -8.49
N PRO D 62 -12.11 -4.19 -8.05
CA PRO D 62 -12.02 -5.33 -9.00
C PRO D 62 -13.30 -5.64 -9.83
N ASP D 63 -14.45 -5.14 -9.41
CA ASP D 63 -15.73 -5.52 -10.04
C ASP D 63 -15.83 -5.20 -11.53
N GLY D 64 -16.21 -6.20 -12.30
CA GLY D 64 -16.38 -6.05 -13.74
C GLY D 64 -15.12 -6.39 -14.53
N TYR D 65 -14.04 -6.72 -13.83
CA TYR D 65 -12.76 -7.03 -14.48
C TYR D 65 -12.24 -8.37 -14.04
N LYS D 66 -11.52 -9.02 -14.93
CA LYS D 66 -10.81 -10.25 -14.57
C LYS D 66 -9.35 -10.05 -14.97
N ALA D 67 -8.43 -10.72 -14.29
CA ALA D 67 -7.01 -10.55 -14.57
C ALA D 67 -6.39 -11.87 -14.96
N SER D 68 -5.33 -11.82 -15.75
CA SER D 68 -4.63 -13.03 -16.21
C SER D 68 -3.11 -12.80 -16.19
N ARG D 69 -2.40 -13.74 -15.58
CA ARG D 69 -0.96 -13.66 -15.56
C ARG D 69 -0.38 -14.99 -16.03
N PRO D 70 -0.32 -15.20 -17.35
CA PRO D 70 0.14 -16.48 -17.90
C PRO D 70 1.66 -16.65 -17.85
N SER D 71 2.41 -15.57 -17.63
CA SER D 71 3.89 -15.62 -17.74
C SER D 71 4.46 -14.45 -16.97
N GLN D 72 5.76 -14.50 -16.72
CA GLN D 72 6.44 -13.43 -16.02
C GLN D 72 6.24 -12.12 -16.75
N GLU D 73 6.20 -12.17 -18.09
CA GLU D 73 6.20 -10.99 -18.95
C GLU D 73 4.85 -10.25 -19.09
N ASN D 74 3.75 -11.01 -19.15
CA ASN D 74 2.45 -10.51 -19.54
C ASN D 74 1.43 -10.53 -18.41
N PHE D 75 0.71 -9.43 -18.27
CA PHE D 75 -0.39 -9.27 -17.34
C PHE D 75 -1.54 -8.66 -18.15
N SER D 76 -2.65 -9.40 -18.27
CA SER D 76 -3.85 -8.93 -18.97
C SER D 76 -5.02 -8.54 -18.08
N LEU D 77 -5.72 -7.50 -18.51
CA LEU D 77 -6.94 -7.08 -17.92
C LEU D 77 -8.04 -7.41 -18.93
N ILE D 78 -9.02 -8.18 -18.50
CA ILE D 78 -10.06 -8.66 -19.37
C ILE D 78 -11.40 -8.17 -18.84
N LEU D 79 -12.15 -7.52 -19.72
CA LEU D 79 -13.49 -7.04 -19.44
C LEU D 79 -14.42 -7.91 -20.25
N GLU D 80 -15.02 -8.90 -19.59
CA GLU D 80 -15.80 -9.90 -20.26
C GLU D 80 -17.09 -9.32 -20.88
N LEU D 81 -17.64 -8.27 -20.27
CA LEU D 81 -18.89 -7.67 -20.70
C LEU D 81 -18.76 -6.16 -20.54
N ALA D 82 -18.12 -5.51 -21.51
CA ALA D 82 -17.77 -4.10 -21.32
C ALA D 82 -19.04 -3.27 -21.06
N THR D 83 -18.92 -2.32 -20.15
CA THR D 83 -20.01 -1.37 -19.90
C THR D 83 -19.47 0.06 -20.05
N PRO D 84 -20.34 1.04 -20.38
CA PRO D 84 -19.91 2.43 -20.49
C PRO D 84 -19.15 2.95 -19.26
N SER D 85 -19.39 2.37 -18.08
CA SER D 85 -18.70 2.85 -16.89
C SER D 85 -17.22 2.44 -16.91
N GLN D 86 -16.83 1.61 -17.86
CA GLN D 86 -15.43 1.20 -17.97
C GLN D 86 -14.67 2.08 -18.93
N THR D 87 -15.33 3.10 -19.45
CA THR D 87 -14.64 4.15 -20.22
C THR D 87 -13.62 4.82 -19.32
N SER D 88 -12.35 4.85 -19.72
CA SER D 88 -11.29 5.32 -18.83
C SER D 88 -9.92 5.24 -19.50
N VAL D 89 -8.91 5.71 -18.76
CA VAL D 89 -7.53 5.46 -19.13
C VAL D 89 -6.94 4.42 -18.14
N TYR D 90 -6.42 3.33 -18.70
CA TYR D 90 -5.80 2.26 -17.92
C TYR D 90 -4.29 2.29 -17.92
N PHE D 91 -3.69 2.11 -16.74
CA PHE D 91 -2.23 2.07 -16.64
C PHE D 91 -1.81 0.80 -16.00
N CYS D 92 -0.84 0.17 -16.63
CA CYS D 92 -0.20 -1.02 -16.15
C CYS D 92 1.11 -0.58 -15.47
N ALA D 93 1.59 -1.32 -14.47
CA ALA D 93 2.92 -1.07 -13.90
C ALA D 93 3.56 -2.37 -13.49
N SER D 94 4.87 -2.38 -13.45
CA SER D 94 5.57 -3.54 -12.92
C SER D 94 6.60 -3.09 -11.87
N GLY D 95 7.16 -4.03 -11.12
CA GLY D 95 8.17 -3.75 -10.09
C GLY D 95 8.78 -5.01 -9.50
N ASP D 96 9.91 -4.85 -8.82
CA ASP D 96 10.51 -6.00 -8.13
C ASP D 96 10.15 -5.92 -6.64
N GLU D 97 11.05 -6.38 -5.77
CA GLU D 97 10.76 -6.33 -4.34
C GLU D 97 10.80 -4.91 -3.70
N GLY D 98 11.45 -3.94 -4.35
CA GLY D 98 11.61 -2.56 -3.87
C GLY D 98 10.29 -1.79 -3.98
N TYR D 99 10.26 -0.50 -3.67
CA TYR D 99 8.99 0.23 -3.65
C TYR D 99 8.53 0.87 -4.99
N THR D 100 9.43 0.98 -5.96
CA THR D 100 9.16 1.70 -7.19
C THR D 100 8.28 0.91 -8.15
N GLN D 101 7.23 1.54 -8.68
CA GLN D 101 6.44 0.92 -9.75
C GLN D 101 6.75 1.61 -11.09
N TYR D 102 6.95 0.84 -12.14
CA TYR D 102 7.34 1.44 -13.41
C TYR D 102 6.11 1.49 -14.32
N PHE D 103 5.60 2.68 -14.62
CA PHE D 103 4.29 2.75 -15.35
C PHE D 103 4.38 2.60 -16.85
N GLY D 104 3.42 1.86 -17.43
CA GLY D 104 3.18 1.86 -18.87
C GLY D 104 2.67 3.23 -19.31
N PRO D 105 2.43 3.41 -20.62
CA PRO D 105 2.05 4.73 -21.13
C PRO D 105 0.55 5.00 -21.18
N GLY D 106 -0.25 3.99 -20.86
CA GLY D 106 -1.67 4.19 -20.81
C GLY D 106 -2.42 3.70 -22.04
N THR D 107 -3.64 3.22 -21.80
CA THR D 107 -4.53 2.82 -22.86
C THR D 107 -5.84 3.57 -22.67
N ARG D 108 -6.33 4.20 -23.71
CA ARG D 108 -7.60 4.91 -23.65
C ARG D 108 -8.70 4.00 -24.12
N LEU D 109 -9.66 3.73 -23.25
CA LEU D 109 -10.80 2.93 -23.66
C LEU D 109 -12.12 3.71 -23.64
N LEU D 110 -12.86 3.61 -24.74
CA LEU D 110 -14.19 4.16 -24.81
C LEU D 110 -15.13 3.03 -25.13
N VAL D 111 -16.10 2.78 -24.25
CA VAL D 111 -17.19 1.83 -24.49
C VAL D 111 -18.45 2.58 -24.86
N LEU D 112 -18.87 2.49 -26.13
CA LEU D 112 -20.13 3.10 -26.58
C LEU D 112 -21.31 2.14 -26.44
N GLU D 113 -22.50 2.69 -26.30
CA GLU D 113 -23.66 1.84 -26.21
C GLU D 113 -24.04 1.27 -27.55
N ASP D 114 -23.55 1.91 -28.61
CA ASP D 114 -23.88 1.47 -29.93
C ASP D 114 -22.89 2.02 -30.96
N LEU D 115 -22.58 1.20 -31.96
CA LEU D 115 -21.53 1.52 -32.91
C LEU D 115 -22.03 2.22 -34.16
N ARG D 116 -23.34 2.47 -34.22
CA ARG D 116 -23.98 2.90 -35.46
C ARG D 116 -23.46 4.22 -36.07
N ASN D 117 -22.91 5.12 -35.26
CA ASN D 117 -22.45 6.43 -35.78
C ASN D 117 -20.95 6.50 -36.02
N VAL D 118 -20.23 5.41 -35.74
CA VAL D 118 -18.77 5.42 -35.93
C VAL D 118 -18.47 5.76 -37.39
N THR D 119 -17.51 6.66 -37.62
CA THR D 119 -17.22 7.20 -38.94
C THR D 119 -15.78 7.72 -38.98
N PRO D 120 -15.00 7.31 -39.99
CA PRO D 120 -13.61 7.79 -40.01
C PRO D 120 -13.53 9.22 -40.57
N PRO D 121 -12.41 9.92 -40.31
CA PRO D 121 -12.30 11.31 -40.76
C PRO D 121 -12.01 11.47 -42.23
N LYS D 122 -12.36 12.63 -42.78
CA LYS D 122 -11.73 13.14 -44.00
C LYS D 122 -10.55 14.02 -43.58
N VAL D 123 -9.48 13.99 -44.35
CA VAL D 123 -8.33 14.77 -44.00
C VAL D 123 -7.88 15.60 -45.19
N SER D 124 -7.69 16.90 -44.94
CA SER D 124 -7.21 17.81 -45.96
C SER D 124 -6.00 18.57 -45.42
N LEU D 125 -5.05 18.83 -46.31
CA LEU D 125 -3.86 19.58 -45.97
C LEU D 125 -3.94 20.89 -46.73
N PHE D 126 -3.79 22.01 -46.03
CA PHE D 126 -3.79 23.34 -46.64
C PHE D 126 -2.41 23.96 -46.66
N GLU D 127 -2.07 24.55 -47.81
CA GLU D 127 -0.71 25.02 -48.06
C GLU D 127 -0.53 26.52 -47.76
N PRO D 128 0.59 26.89 -47.13
CA PRO D 128 1.05 28.21 -46.80
C PRO D 128 0.61 29.29 -47.77
N SER D 129 0.13 30.37 -47.18
CA SER D 129 -0.18 31.62 -47.85
C SER D 129 1.11 32.26 -48.32
N LYS D 130 1.14 32.66 -49.58
CA LYS D 130 2.29 33.39 -50.16
C LYS D 130 2.47 34.70 -49.40
N ALA D 131 1.36 35.28 -48.97
CA ALA D 131 1.38 36.51 -48.18
C ALA D 131 2.04 36.31 -46.82
N GLU D 132 1.79 35.18 -46.14
CA GLU D 132 2.50 34.86 -44.91
C GLU D 132 4.00 34.76 -45.18
N ILE D 133 4.37 34.01 -46.22
CA ILE D 133 5.77 33.83 -46.58
C ILE D 133 6.52 35.15 -46.75
N SER D 134 5.91 36.13 -47.43
CA SER D 134 6.58 37.39 -47.68
C SER D 134 6.58 38.32 -46.45
N HIS D 135 5.58 38.16 -45.58
CA HIS D 135 5.47 39.05 -44.43
C HIS D 135 6.35 38.63 -43.25
N THR D 136 6.49 37.31 -43.04
CA THR D 136 7.14 36.78 -41.83
C THR D 136 8.38 35.90 -42.11
N GLN D 137 8.52 35.45 -43.35
CA GLN D 137 9.51 34.41 -43.74
C GLN D 137 9.24 33.05 -43.10
N LYS D 138 8.00 32.84 -42.69
CA LYS D 138 7.61 31.51 -42.27
C LYS D 138 6.44 31.02 -43.10
N ALA D 139 6.20 29.71 -43.05
CA ALA D 139 5.18 29.05 -43.81
C ALA D 139 4.39 28.15 -42.88
N THR D 140 3.07 28.38 -42.80
CA THR D 140 2.20 27.54 -41.96
C THR D 140 1.33 26.62 -42.76
N LEU D 141 1.50 25.33 -42.53
CA LEU D 141 0.57 24.34 -43.05
C LEU D 141 -0.56 24.05 -42.05
N VAL D 142 -1.78 23.91 -42.56
CA VAL D 142 -2.90 23.50 -41.72
C VAL D 142 -3.48 22.16 -42.21
N CYS D 143 -3.73 21.28 -41.25
CA CYS D 143 -4.39 20.00 -41.48
C CYS D 143 -5.78 20.05 -40.85
N LEU D 144 -6.83 19.71 -41.62
CA LEU D 144 -8.17 19.53 -41.07
C LEU D 144 -8.60 18.07 -41.15
N ALA D 145 -9.09 17.53 -40.05
CA ALA D 145 -9.74 16.22 -40.04
C ALA D 145 -11.20 16.49 -39.74
N THR D 146 -12.12 15.96 -40.56
CA THR D 146 -13.54 16.24 -40.35
C THR D 146 -14.45 15.01 -40.49
N GLY D 147 -15.64 15.14 -39.92
CA GLY D 147 -16.71 14.15 -40.04
C GLY D 147 -16.48 12.85 -39.30
N PHE D 148 -15.62 12.84 -38.27
CA PHE D 148 -15.33 11.61 -37.60
C PHE D 148 -16.11 11.44 -36.30
N TYR D 149 -16.26 10.17 -35.89
CA TYR D 149 -16.94 9.85 -34.68
C TYR D 149 -16.45 8.49 -34.28
N PRO D 150 -16.17 8.28 -33.00
CA PRO D 150 -16.15 9.25 -31.88
C PRO D 150 -14.84 10.06 -31.89
N ASP D 151 -14.50 10.74 -30.80
CA ASP D 151 -13.31 11.63 -30.79
C ASP D 151 -11.93 10.96 -30.54
N HIS D 152 -11.78 9.69 -30.87
CA HIS D 152 -10.51 8.99 -30.61
C HIS D 152 -9.58 9.03 -31.82
N VAL D 153 -8.90 10.17 -31.98
CA VAL D 153 -7.94 10.34 -33.07
C VAL D 153 -6.61 10.84 -32.57
N GLU D 154 -5.58 10.48 -33.33
CA GLU D 154 -4.23 10.93 -33.04
C GLU D 154 -3.74 11.53 -34.30
N LEU D 155 -3.50 12.83 -34.25
CA LEU D 155 -3.03 13.57 -35.40
C LEU D 155 -1.55 13.71 -35.25
N SER D 156 -0.80 13.44 -36.33
CA SER D 156 0.66 13.66 -36.29
C SER D 156 1.23 14.18 -37.62
N TRP D 157 2.40 14.81 -37.56
CA TRP D 157 3.00 15.38 -38.77
C TRP D 157 4.31 14.68 -39.15
N TRP D 158 4.49 14.48 -40.46
CA TRP D 158 5.65 13.75 -40.95
C TRP D 158 6.34 14.54 -42.07
N VAL D 159 7.65 14.71 -41.94
CA VAL D 159 8.40 15.36 -42.99
C VAL D 159 9.45 14.35 -43.42
N ASN D 160 9.42 13.99 -44.70
CA ASN D 160 10.31 12.99 -45.27
C ASN D 160 10.30 11.68 -44.50
N GLY D 161 9.11 11.29 -44.06
CA GLY D 161 8.90 10.01 -43.41
C GLY D 161 9.36 9.98 -41.96
N LYS D 162 9.62 11.16 -41.36
CA LYS D 162 9.93 11.23 -39.93
C LYS D 162 9.05 12.22 -39.21
N GLU D 163 8.53 11.76 -38.09
CA GLU D 163 7.61 12.52 -37.27
C GLU D 163 8.26 13.79 -36.74
N VAL D 164 7.58 14.93 -36.89
CA VAL D 164 8.07 16.20 -36.31
C VAL D 164 7.14 16.68 -35.16
N HIS D 165 7.74 17.27 -34.14
CA HIS D 165 6.99 17.83 -33.01
C HIS D 165 7.18 19.34 -32.92
N SER D 166 8.34 19.83 -33.33
CA SER D 166 8.65 21.22 -33.20
C SER D 166 7.83 22.03 -34.19
N GLY D 167 7.31 23.18 -33.76
CA GLY D 167 6.50 24.03 -34.63
C GLY D 167 5.09 23.51 -34.86
N VAL D 168 4.68 22.49 -34.09
CA VAL D 168 3.36 21.88 -34.25
C VAL D 168 2.41 22.30 -33.14
N CYS D 169 1.16 22.57 -33.50
CA CYS D 169 0.16 22.72 -32.45
C CYS D 169 -1.19 22.17 -32.90
N THR D 170 -1.71 21.21 -32.15
CA THR D 170 -2.95 20.52 -32.46
C THR D 170 -4.01 20.97 -31.45
N ASP D 171 -5.24 21.29 -31.88
CA ASP D 171 -6.32 21.64 -30.93
C ASP D 171 -6.36 20.59 -29.82
N PRO D 172 -6.46 21.03 -28.56
CA PRO D 172 -6.55 20.09 -27.43
C PRO D 172 -7.88 19.34 -27.49
N GLN D 173 -8.94 20.04 -27.87
CA GLN D 173 -10.27 19.42 -27.98
C GLN D 173 -10.73 19.41 -29.44
N PRO D 174 -11.32 18.30 -29.91
CA PRO D 174 -11.93 18.34 -31.24
C PRO D 174 -13.24 19.09 -31.13
N LEU D 175 -13.69 19.76 -32.19
CA LEU D 175 -14.93 20.50 -32.03
C LEU D 175 -16.14 19.77 -32.61
N LYS D 176 -17.35 20.11 -32.14
CA LYS D 176 -18.56 19.46 -32.65
C LYS D 176 -19.12 20.16 -33.87
N GLU D 177 -19.37 19.39 -34.93
CA GLU D 177 -19.86 19.93 -36.20
C GLU D 177 -21.32 20.38 -36.10
N GLN D 178 -22.08 19.69 -35.28
CA GLN D 178 -23.49 19.96 -35.07
C GLN D 178 -23.82 19.77 -33.59
N PRO D 179 -23.42 20.74 -32.75
CA PRO D 179 -23.55 20.74 -31.28
C PRO D 179 -24.94 20.38 -30.77
N ALA D 180 -25.98 20.79 -31.49
CA ALA D 180 -27.36 20.49 -31.10
C ALA D 180 -27.66 18.99 -31.04
N LEU D 181 -26.70 18.17 -31.51
CA LEU D 181 -26.95 16.74 -31.68
C LEU D 181 -26.07 15.83 -30.80
N ASN D 182 -26.71 14.79 -30.24
CA ASN D 182 -26.03 13.75 -29.43
C ASN D 182 -25.09 12.93 -30.29
N ASP D 183 -25.50 12.68 -31.54
CA ASP D 183 -24.75 11.84 -32.48
C ASP D 183 -23.57 12.56 -33.18
N SER D 184 -23.38 13.83 -32.84
CA SER D 184 -22.59 14.76 -33.63
C SER D 184 -21.19 14.29 -33.98
N ARG D 185 -20.83 14.53 -35.22
CA ARG D 185 -19.49 14.31 -35.70
C ARG D 185 -18.56 15.42 -35.21
N TYR D 186 -17.25 15.17 -35.33
CA TYR D 186 -16.21 16.08 -34.82
C TYR D 186 -15.28 16.60 -35.90
N SER D 187 -14.69 17.77 -35.66
CA SER D 187 -13.56 18.26 -36.47
C SER D 187 -12.36 18.56 -35.61
N LEU D 188 -11.20 18.63 -36.23
CA LEU D 188 -9.98 18.82 -35.50
C LEU D 188 -8.96 19.44 -36.43
N SER D 189 -8.36 20.55 -36.00
CA SER D 189 -7.28 21.17 -36.80
C SER D 189 -5.94 21.08 -36.09
N SER D 190 -4.86 21.24 -36.86
CA SER D 190 -3.50 21.21 -36.37
C SER D 190 -2.69 22.13 -37.24
N ARG D 191 -1.60 22.69 -36.69
CA ARG D 191 -0.73 23.52 -37.50
C ARG D 191 0.73 23.07 -37.44
N LEU D 192 1.39 23.13 -38.59
CA LEU D 192 2.81 22.94 -38.71
C LEU D 192 3.42 24.17 -39.36
N ARG D 193 4.31 24.83 -38.62
CA ARG D 193 4.95 26.04 -39.07
C ARG D 193 6.45 25.81 -39.19
N VAL D 194 6.97 26.10 -40.39
CA VAL D 194 8.37 25.93 -40.73
C VAL D 194 8.94 27.26 -41.29
N SER D 195 10.25 27.36 -41.45
CA SER D 195 10.85 28.49 -42.16
C SER D 195 10.40 28.47 -43.63
N ALA D 196 10.25 29.65 -44.23
CA ALA D 196 9.81 29.74 -45.61
C ALA D 196 10.68 28.86 -46.51
N THR D 197 11.99 28.97 -46.34
CA THR D 197 12.91 28.21 -47.19
C THR D 197 12.77 26.71 -47.01
N PHE D 198 12.34 26.28 -45.82
CA PHE D 198 12.07 24.88 -45.66
C PHE D 198 10.90 24.46 -46.57
N TRP D 199 9.81 25.24 -46.51
CA TRP D 199 8.63 24.97 -47.34
C TRP D 199 8.95 25.15 -48.82
N GLN D 200 9.92 25.99 -49.14
CA GLN D 200 10.23 26.27 -50.53
C GLN D 200 11.03 25.15 -51.19
N ASN D 201 11.66 24.32 -50.37
CA ASN D 201 12.48 23.20 -50.89
C ASN D 201 11.60 22.06 -51.46
N PRO D 202 11.66 21.82 -52.79
CA PRO D 202 10.77 20.81 -53.40
C PRO D 202 11.14 19.35 -53.08
N ARG D 203 12.20 19.15 -52.31
CA ARG D 203 12.61 17.82 -51.89
C ARG D 203 12.02 17.41 -50.55
N ASN D 204 11.27 18.33 -49.93
CA ASN D 204 10.59 18.04 -48.66
C ASN D 204 9.14 17.63 -48.83
N HIS D 205 8.84 16.44 -48.37
CA HIS D 205 7.51 15.86 -48.47
C HIS D 205 6.81 16.01 -47.12
N PHE D 206 5.69 16.73 -47.11
CA PHE D 206 4.98 17.02 -45.86
C PHE D 206 3.74 16.14 -45.83
N ARG D 207 3.44 15.56 -44.67
CA ARG D 207 2.25 14.71 -44.56
C ARG D 207 1.60 14.91 -43.20
N CYS D 208 0.29 15.09 -43.25
CA CYS D 208 -0.54 15.17 -42.05
C CYS D 208 -1.21 13.80 -41.91
N GLN D 209 -1.07 13.13 -40.78
CA GLN D 209 -1.61 11.77 -40.60
C GLN D 209 -2.60 11.74 -39.43
N VAL D 210 -3.75 11.12 -39.65
CA VAL D 210 -4.66 10.91 -38.55
C VAL D 210 -4.90 9.44 -38.35
N GLN D 211 -4.53 8.94 -37.18
CA GLN D 211 -4.85 7.58 -36.81
C GLN D 211 -6.25 7.62 -36.15
N PHE D 212 -7.20 6.92 -36.76
CA PHE D 212 -8.55 6.88 -36.26
C PHE D 212 -8.76 5.56 -35.56
N TYR D 213 -9.35 5.59 -34.38
CA TYR D 213 -9.77 4.35 -33.75
C TYR D 213 -11.27 4.08 -33.95
N GLY D 214 -11.60 2.89 -34.43
CA GLY D 214 -12.98 2.51 -34.77
C GLY D 214 -13.21 1.04 -34.53
N LEU D 215 -13.94 0.44 -35.47
CA LEU D 215 -14.29 -0.96 -35.37
C LEU D 215 -13.07 -1.87 -35.63
N SER D 216 -13.17 -3.11 -35.17
CA SER D 216 -12.17 -4.08 -35.49
C SER D 216 -12.73 -4.94 -36.61
N GLU D 217 -11.85 -5.75 -37.20
CA GLU D 217 -12.17 -6.58 -38.35
C GLU D 217 -13.24 -7.56 -37.93
N ASN D 218 -13.39 -7.74 -36.62
CA ASN D 218 -14.33 -8.71 -36.11
C ASN D 218 -15.67 -8.19 -35.49
N ASP D 219 -15.86 -6.86 -35.50
CA ASP D 219 -17.13 -6.26 -35.10
C ASP D 219 -18.14 -6.50 -36.25
N GLU D 220 -19.40 -6.71 -35.92
CA GLU D 220 -20.44 -6.85 -36.93
C GLU D 220 -20.85 -5.50 -37.51
N TRP D 221 -21.24 -5.46 -38.78
CA TRP D 221 -21.63 -4.22 -39.43
C TRP D 221 -22.84 -4.41 -40.34
N THR D 222 -23.94 -3.75 -40.04
CA THR D 222 -25.19 -3.97 -40.79
C THR D 222 -25.55 -2.91 -41.84
N GLN D 223 -24.82 -1.79 -41.85
CA GLN D 223 -25.12 -0.68 -42.74
C GLN D 223 -24.48 -0.85 -44.11
N ASP D 224 -25.06 -0.17 -45.10
CA ASP D 224 -24.59 -0.16 -46.48
C ASP D 224 -23.21 0.50 -46.59
N ARG D 225 -22.95 1.57 -45.81
CA ARG D 225 -21.65 2.29 -45.94
C ARG D 225 -20.46 1.38 -45.57
N ALA D 226 -19.24 1.75 -45.98
CA ALA D 226 -18.06 0.96 -45.66
C ALA D 226 -17.89 0.87 -44.14
N LYS D 227 -17.47 -0.30 -43.67
CA LYS D 227 -17.22 -0.54 -42.26
C LYS D 227 -16.15 0.41 -41.68
N PRO D 228 -16.49 1.19 -40.61
CA PRO D 228 -15.60 2.22 -40.10
C PRO D 228 -14.51 1.69 -39.17
N VAL D 229 -13.56 0.96 -39.77
CA VAL D 229 -12.51 0.31 -39.02
C VAL D 229 -11.44 1.30 -38.59
N THR D 230 -10.74 0.95 -37.54
CA THR D 230 -9.48 1.57 -37.18
C THR D 230 -8.60 1.67 -38.44
N GLN D 231 -8.08 2.85 -38.77
CA GLN D 231 -7.35 3.10 -40.01
C GLN D 231 -6.62 4.44 -39.93
N ILE D 232 -5.64 4.63 -40.78
CA ILE D 232 -5.00 5.91 -40.93
C ILE D 232 -5.60 6.60 -42.14
N VAL D 233 -6.00 7.85 -41.98
CA VAL D 233 -6.31 8.74 -43.11
C VAL D 233 -5.27 9.90 -43.10
N SER D 234 -4.85 10.32 -44.27
CA SER D 234 -3.70 11.16 -44.39
C SER D 234 -3.80 12.08 -45.61
N ALA D 235 -3.13 13.22 -45.54
CA ALA D 235 -3.00 14.12 -46.69
C ALA D 235 -1.58 14.64 -46.74
N GLU D 236 -1.16 15.06 -47.92
CA GLU D 236 0.23 15.15 -48.21
C GLU D 236 0.48 16.33 -49.18
N ALA D 237 1.67 16.96 -49.13
CA ALA D 237 2.13 17.86 -50.21
C ALA D 237 3.64 18.02 -50.14
N TRP D 238 4.21 18.37 -51.28
CA TRP D 238 5.63 18.68 -51.43
C TRP D 238 5.85 20.18 -51.37
N GLY D 239 6.97 20.57 -50.80
CA GLY D 239 7.37 21.97 -50.86
C GLY D 239 7.56 22.42 -52.31
N ARG D 240 7.51 23.73 -52.51
CA ARG D 240 7.58 24.35 -53.86
C ARG D 240 8.21 25.73 -53.77
N ALA D 241 9.10 26.05 -54.71
CA ALA D 241 9.77 27.35 -54.78
C ALA D 241 8.88 28.43 -55.40
C1 NAG E . 22.89 -2.45 15.98
C2 NAG E . 23.62 -1.58 14.96
C3 NAG E . 24.20 -2.42 13.81
C4 NAG E . 25.07 -3.58 14.32
C5 NAG E . 24.27 -4.38 15.38
C6 NAG E . 25.07 -5.56 15.98
C7 NAG E . 22.59 0.62 14.94
C8 NAG E . 21.72 1.62 14.22
N2 NAG E . 22.77 -0.58 14.37
O3 NAG E . 24.90 -1.64 12.89
O4 NAG E . 25.32 -4.43 13.21
O5 NAG E . 23.69 -3.54 16.41
O6 NAG E . 24.38 -6.08 17.12
O7 NAG E . 23.10 0.89 16.01
C1 NAG E . 26.63 -4.36 12.64
C2 NAG E . 26.92 -5.72 11.99
C3 NAG E . 28.19 -5.74 11.11
C4 NAG E . 28.23 -4.54 10.16
C5 NAG E . 28.05 -3.27 11.03
C6 NAG E . 28.18 -1.96 10.25
C7 NAG E . 26.40 -7.95 12.89
C8 NAG E . 26.58 -8.90 14.03
N2 NAG E . 27.00 -6.76 13.01
O3 NAG E . 28.18 -6.93 10.36
O4 NAG E . 29.40 -4.52 9.35
O5 NAG E . 26.76 -3.33 11.67
O6 NAG E . 26.87 -1.45 10.08
O7 NAG E . 25.73 -8.29 11.92
C1 FUC E . 23.67 -7.35 16.97
C2 FUC E . 23.46 -8.01 18.35
C3 FUC E . 22.51 -7.14 19.21
C4 FUC E . 21.17 -6.98 18.48
C5 FUC E . 21.46 -6.41 17.08
C6 FUC E . 20.20 -6.19 16.22
O2 FUC E . 24.69 -8.22 18.99
O3 FUC E . 22.37 -7.59 20.56
O4 FUC E . 20.48 -8.21 18.37
O5 FUC E . 22.40 -7.23 16.38
C1 NAG F . -12.75 -16.80 8.25
C2 NAG F . -14.27 -16.91 7.90
C3 NAG F . -15.21 -16.62 9.08
C4 NAG F . -14.77 -17.39 10.31
C5 NAG F . -13.34 -16.96 10.65
C6 NAG F . -12.82 -17.60 11.95
C7 NAG F . -14.46 -16.48 5.47
C8 NAG F . -14.98 -15.56 4.39
N2 NAG F . -14.69 -16.11 6.74
O3 NAG F . -16.54 -16.98 8.76
O4 NAG F . -15.69 -17.16 11.36
O5 NAG F . -12.44 -17.23 9.57
O6 NAG F . -12.78 -19.02 11.87
O7 NAG F . -13.85 -17.51 5.15
C1 NAG G . -8.72 -7.55 15.96
C2 NAG G . -10.07 -7.92 15.34
C3 NAG G . -10.29 -7.33 13.93
C4 NAG G . -10.15 -5.81 13.97
C5 NAG G . -8.72 -5.54 14.52
C6 NAG G . -8.35 -4.05 14.48
C7 NAG G . -11.08 -10.07 15.98
C8 NAG G . -11.09 -11.54 15.71
N2 NAG G . -10.21 -9.35 15.26
O3 NAG G . -11.61 -7.64 13.50
O4 NAG G . -10.48 -5.14 12.72
O5 NAG G . -8.56 -6.13 15.84
O6 NAG G . -9.22 -3.37 15.35
O7 NAG G . -11.83 -9.59 16.82
C1 QUV H . 5.76 -0.47 8.69
C2 QUV H . 6.21 -1.81 9.27
N2 QUV H . 7.48 -1.65 10.01
C3 QUV H . 6.39 -2.88 8.20
O3 QUV H . 5.12 -3.09 7.60
C4 QUV H . 6.87 -4.23 8.75
O4 QUV H . 7.01 -5.18 7.63
C5 QUV H . 5.95 -4.77 9.87
C6 QUV H . 6.26 -6.27 10.23
C7 QUV H . 7.57 -6.44 11.03
C8 QUV H . 7.73 -7.87 11.67
C9 QUV H . 8.18 -8.95 10.66
C10 QUV H . 8.36 -10.33 11.34
C11 QUV H . 8.86 -11.40 10.34
C12 QUV H . 7.67 -12.16 9.74
C13 QUV H . 8.09 -13.29 8.78
C14 QUV H . 6.83 -13.75 7.99
C15 QUV H . 6.85 -15.20 7.52
C16 QUV H . 6.15 -15.36 6.14
C17 QUV H . 4.65 -15.63 6.21
C18 QUV H . 4.08 -16.09 4.86
C1A QUV H . 6.57 1.10 7.08
O1A QUV H . 6.76 -0.10 7.75
C2A QUV H . 7.70 1.26 6.04
O2A QUV H . 7.70 0.14 5.16
C3A QUV H . 9.10 1.47 6.71
O3A QUV H . 10.03 1.82 5.71
C4A QUV H . 9.02 2.65 7.66
O4A QUV H . 8.77 3.85 6.92
C5M QUV H . 7.88 2.38 8.66
C6A QUV H . 7.61 3.60 9.54
O6A QUV H . 6.63 2.18 7.98
CAA QUV H . 7.45 -1.23 11.28
OAA QUV H . 6.42 -0.97 11.89
CAB QUV H . 8.82 -1.06 11.96
CAC QUV H . 8.88 -1.63 13.35
CAD QUV H . 8.99 -3.14 13.38
CAE QUV H . 8.72 -3.59 14.81
CAF QUV H . 9.14 -5.03 15.02
CAG QUV H . 9.18 -5.30 16.55
CAH QUV H . 8.16 -6.37 16.87
CAI QUV H . 8.14 -6.76 18.35
CAJ QUV H . 6.76 -6.45 18.93
CAK QUV H . 6.29 -7.42 19.98
CAL QUV H . 4.88 -6.96 20.42
CAM QUV H . 4.89 -6.38 21.85
CAN QUV H . 3.98 -5.13 21.94
CAO QUV H . 4.02 -4.48 23.34
CAP QUV H . 5.16 -3.47 23.43
CAQ QUV H . 4.98 -2.59 24.67
CAR QUV H . 6.21 -2.50 25.56
CAS QUV H . 7.08 -1.27 25.23
CAT QUV H . 8.55 -1.69 25.28
CAU QUV H . 9.46 -0.84 24.41
CAV QUV H . 10.76 -1.59 24.08
CAW QUV H . 10.57 -2.41 22.80
CAX QUV H . 11.73 -3.36 22.58
CAY QUV H . 11.30 -4.56 21.74
CAZ QUV H . 11.43 -4.31 20.24
NAZ QUV H . 7.17 3.20 10.91
CCI QUV H . 8.05 3.06 11.92
NCJ QUV H . 7.56 2.69 13.10
OCK QUV H . 9.27 3.22 11.76
CCL QUV H . 8.03 1.94 15.37
CCM QUV H . 7.15 0.87 15.29
CCN QUV H . 6.99 0.03 16.40
CCO QUV H . 7.72 0.29 17.57
CCP QUV H . 8.61 1.33 17.65
CCQ QUV H . 8.76 2.17 16.57
CCR QUV H . 9.66 3.25 16.69
CCS QUV H . 9.85 4.12 15.61
CCT QUV H . 9.12 3.89 14.42
CCU QUV H . 8.24 2.78 14.26
#